data_6GIX
#
_entry.id   6GIX
#
_cell.length_a   72.860
_cell.length_b   82.130
_cell.length_c   122.460
_cell.angle_alpha   90.00
_cell.angle_beta   90.00
_cell.angle_gamma   90.00
#
_symmetry.space_group_name_H-M   'P 21 21 21'
#
loop_
_entity.id
_entity.type
_entity.pdbx_description
1 polymer 'Water-soluble chlorophyll protein'
2 non-polymer 'CHLOROPHYLL B'
3 water water
#
_entity_poly.entity_id   1
_entity_poly.type   'polypeptide(L)'
_entity_poly.pdbx_seq_one_letter_code
;INDEEPVKDTNGNPLKIETRYFIQPASDNNGGGLVPANVDLSHLCPLGIVRTSLPYQPGLPVTISTPSSSEGNDVLTNTN
IAITFDAPIWPCPSSKTWTVDSSSEEKYIITGGDPKSGESFFRIEKYGNGKNTYKLVRYDNGEGKSVGSTKSLWGPALVL
NDDDDSDENAFPIKFREVDT
;
_entity_poly.pdbx_strand_id   A,B,C,D
#
loop_
_chem_comp.id
_chem_comp.type
_chem_comp.name
_chem_comp.formula
CHL non-polymer 'CHLOROPHYLL B' 'C55 H70 Mg N4 O6 2'
#
# COMPACT_ATOMS: atom_id res chain seq x y z
N GLU A 4 -32.23 -19.54 24.58
CA GLU A 4 -30.90 -20.11 24.37
C GLU A 4 -30.92 -21.30 23.39
N GLU A 5 -31.39 -21.01 22.18
CA GLU A 5 -31.47 -22.03 21.10
C GLU A 5 -30.24 -21.97 20.16
N PRO A 6 -29.91 -23.11 19.49
CA PRO A 6 -28.69 -23.13 18.66
C PRO A 6 -28.73 -22.18 17.47
N VAL A 7 -27.57 -21.54 17.23
CA VAL A 7 -27.33 -20.74 16.03
C VAL A 7 -27.16 -21.72 14.87
N LYS A 8 -27.79 -21.41 13.74
CA LYS A 8 -27.75 -22.29 12.56
C LYS A 8 -27.01 -21.62 11.40
N ASP A 9 -26.28 -22.42 10.62
CA ASP A 9 -25.60 -21.93 9.43
C ASP A 9 -26.57 -21.78 8.25
N THR A 10 -26.07 -21.41 7.07
CA THR A 10 -26.91 -21.24 5.87
C THR A 10 -27.63 -22.52 5.42
N ASN A 11 -27.09 -23.67 5.80
CA ASN A 11 -27.68 -25.00 5.52
C ASN A 11 -28.70 -25.44 6.58
N GLY A 12 -29.03 -24.54 7.52
CA GLY A 12 -29.90 -24.88 8.63
C GLY A 12 -29.29 -25.76 9.67
N ASN A 13 -28.01 -26.12 9.49
CA ASN A 13 -27.23 -26.94 10.44
C ASN A 13 -26.80 -26.15 11.67
N PRO A 14 -26.75 -26.80 12.86
CA PRO A 14 -26.30 -26.06 14.03
C PRO A 14 -24.80 -25.72 13.95
N LEU A 15 -24.46 -24.48 14.34
CA LEU A 15 -23.08 -23.99 14.42
C LEU A 15 -22.28 -24.77 15.45
N LYS A 16 -21.05 -25.10 15.07
CA LYS A 16 -20.11 -25.79 15.96
C LYS A 16 -18.91 -24.88 16.26
N ILE A 17 -18.40 -24.96 17.49
CA ILE A 17 -17.16 -24.25 17.85
C ILE A 17 -15.98 -24.89 17.12
N GLU A 18 -14.88 -24.13 17.00
CA GLU A 18 -13.64 -24.58 16.35
C GLU A 18 -13.87 -25.08 14.92
N THR A 19 -14.83 -24.44 14.24
CA THR A 19 -15.25 -24.79 12.89
C THR A 19 -15.28 -23.52 12.06
N ARG A 20 -14.78 -23.59 10.84
CA ARG A 20 -14.63 -22.40 10.02
C ARG A 20 -15.94 -21.97 9.35
N TYR A 21 -16.29 -20.70 9.54
CA TYR A 21 -17.44 -20.11 8.86
C TYR A 21 -17.07 -18.78 8.21
N PHE A 22 -17.61 -18.51 7.04
CA PHE A 22 -17.63 -17.15 6.51
C PHE A 22 -18.80 -16.47 7.20
N ILE A 23 -18.55 -15.28 7.75
CA ILE A 23 -19.65 -14.41 8.18
C ILE A 23 -20.03 -13.57 6.99
N GLN A 24 -21.18 -13.89 6.42
CA GLN A 24 -21.69 -13.23 5.22
C GLN A 24 -22.81 -12.26 5.57
N PRO A 25 -22.74 -11.03 5.03
CA PRO A 25 -23.87 -10.09 5.17
C PRO A 25 -25.15 -10.75 4.68
N ALA A 26 -26.18 -10.74 5.51
CA ALA A 26 -27.48 -11.33 5.16
C ALA A 26 -28.26 -10.43 4.23
N SER A 27 -28.00 -9.12 4.32
CA SER A 27 -28.56 -8.06 3.46
C SER A 27 -27.66 -8.09 2.20
N GLY A 31 -22.12 -7.10 -2.89
CA GLY A 31 -20.76 -7.46 -2.57
C GLY A 31 -20.65 -8.81 -1.88
N GLY A 32 -19.47 -9.09 -1.32
CA GLY A 32 -19.18 -10.36 -0.71
C GLY A 32 -19.13 -10.32 0.81
N GLY A 33 -18.27 -11.15 1.38
CA GLY A 33 -18.22 -11.40 2.82
C GLY A 33 -17.44 -10.38 3.63
N LEU A 34 -17.25 -10.68 4.91
CA LEU A 34 -16.56 -9.76 5.81
C LEU A 34 -15.06 -10.08 5.87
N VAL A 35 -14.24 -9.02 5.81
CA VAL A 35 -12.79 -9.16 5.63
C VAL A 35 -12.03 -8.12 6.48
N PRO A 36 -10.78 -8.42 6.87
CA PRO A 36 -10.02 -7.37 7.52
C PRO A 36 -9.58 -6.27 6.53
N ALA A 37 -9.74 -5.03 6.96
CA ALA A 37 -9.20 -3.87 6.27
C ALA A 37 -8.96 -2.81 7.33
N ASN A 38 -7.98 -1.94 7.10
CA ASN A 38 -7.72 -0.85 8.04
C ASN A 38 -8.89 0.14 8.00
N VAL A 39 -9.20 0.77 9.14
CA VAL A 39 -10.42 1.58 9.26
C VAL A 39 -10.31 2.94 8.58
N ASP A 40 -9.12 3.52 8.66
CA ASP A 40 -8.76 4.80 8.03
C ASP A 40 -7.24 4.85 7.82
N LEU A 41 -6.76 5.96 7.25
CA LEU A 41 -5.34 6.16 6.96
C LEU A 41 -4.47 6.57 8.17
N SER A 42 -5.07 6.58 9.36
CA SER A 42 -4.37 6.88 10.59
C SER A 42 -4.11 5.63 11.42
N HIS A 43 -4.77 4.53 11.06
CA HIS A 43 -4.67 3.29 11.82
C HIS A 43 -4.41 2.11 10.88
N LEU A 44 -3.20 1.58 10.93
CA LEU A 44 -2.84 0.38 10.16
C LEU A 44 -3.19 -0.89 10.92
N CYS A 45 -2.75 -0.98 12.16
CA CYS A 45 -3.05 -2.11 13.04
C CYS A 45 -3.63 -1.52 14.33
N PRO A 46 -4.59 -2.21 14.95
CA PRO A 46 -5.20 -3.42 14.39
C PRO A 46 -6.22 -3.11 13.28
N LEU A 47 -6.86 -4.15 12.79
CA LEU A 47 -7.68 -4.04 11.61
C LEU A 47 -9.16 -3.99 11.93
N GLY A 48 -9.90 -3.29 11.07
CA GLY A 48 -11.36 -3.29 11.13
C GLY A 48 -11.92 -4.43 10.30
N ILE A 49 -13.26 -4.49 10.23
CA ILE A 49 -13.96 -5.55 9.53
C ILE A 49 -14.85 -4.86 8.51
N VAL A 50 -14.55 -5.06 7.24
CA VAL A 50 -15.30 -4.41 6.15
C VAL A 50 -16.02 -5.45 5.28
N ARG A 51 -17.14 -5.04 4.71
CA ARG A 51 -17.82 -5.81 3.68
C ARG A 51 -17.10 -5.55 2.38
N THR A 52 -16.52 -6.60 1.78
CA THR A 52 -15.85 -6.46 0.48
C THR A 52 -16.86 -6.11 -0.61
N SER A 53 -16.47 -5.25 -1.54
CA SER A 53 -17.37 -4.87 -2.63
C SER A 53 -17.28 -5.82 -3.82
N LEU A 54 -16.32 -6.76 -3.77
CA LEU A 54 -16.14 -7.74 -4.82
C LEU A 54 -17.12 -8.89 -4.61
N PRO A 55 -18.00 -9.14 -5.59
CA PRO A 55 -19.17 -9.98 -5.34
C PRO A 55 -18.94 -11.47 -5.08
N TYR A 56 -17.81 -12.06 -5.46
CA TYR A 56 -17.72 -13.52 -5.24
C TYR A 56 -16.77 -13.93 -4.13
N GLN A 57 -16.27 -12.91 -3.42
CA GLN A 57 -15.31 -13.13 -2.35
C GLN A 57 -16.12 -13.55 -1.12
N PRO A 58 -15.81 -14.71 -0.55
CA PRO A 58 -16.65 -15.27 0.50
C PRO A 58 -16.45 -14.62 1.88
N GLY A 59 -15.37 -13.86 2.04
CA GLY A 59 -15.00 -13.29 3.35
C GLY A 59 -13.77 -14.00 3.86
N LEU A 60 -13.12 -13.46 4.91
CA LEU A 60 -12.12 -14.22 5.61
C LEU A 60 -12.82 -15.09 6.65
N PRO A 61 -12.56 -16.42 6.62
CA PRO A 61 -13.23 -17.32 7.59
C PRO A 61 -12.93 -17.00 9.04
N VAL A 62 -13.90 -17.28 9.91
CA VAL A 62 -13.75 -17.15 11.36
C VAL A 62 -14.02 -18.49 12.05
N THR A 63 -13.48 -18.65 13.26
CA THR A 63 -13.93 -19.72 14.15
C THR A 63 -14.54 -19.07 15.38
N ILE A 64 -15.52 -19.73 15.97
CA ILE A 64 -16.23 -19.22 17.14
C ILE A 64 -15.80 -20.05 18.34
N SER A 65 -15.54 -19.35 19.45
CA SER A 65 -15.22 -20.00 20.71
C SER A 65 -16.17 -19.55 21.81
N THR A 66 -16.45 -20.46 22.71
CA THR A 66 -17.24 -20.17 23.93
C THR A 66 -16.40 -20.26 25.17
N PRO A 67 -16.34 -19.17 25.97
CA PRO A 67 -15.68 -19.23 27.29
C PRO A 67 -16.46 -20.16 28.22
N ASN A 73 -20.16 -28.65 21.99
CA ASN A 73 -19.61 -27.99 20.79
C ASN A 73 -20.54 -27.02 20.12
N ASP A 74 -21.78 -26.97 20.61
CA ASP A 74 -22.81 -26.13 19.99
C ASP A 74 -22.65 -24.65 20.36
N VAL A 75 -22.98 -23.80 19.40
CA VAL A 75 -23.01 -22.34 19.61
C VAL A 75 -24.47 -21.96 19.74
N LEU A 76 -24.80 -21.37 20.89
CA LEU A 76 -26.19 -21.03 21.19
C LEU A 76 -26.41 -19.52 21.11
N THR A 77 -27.63 -19.12 20.75
CA THR A 77 -28.02 -17.71 20.78
C THR A 77 -27.96 -17.18 22.22
N ASN A 78 -27.86 -15.86 22.36
CA ASN A 78 -27.83 -15.17 23.67
C ASN A 78 -26.80 -15.68 24.69
N THR A 79 -25.70 -16.27 24.19
CA THR A 79 -24.58 -16.70 25.03
C THR A 79 -23.30 -16.00 24.62
N ASN A 80 -22.43 -15.77 25.60
CA ASN A 80 -21.11 -15.17 25.36
C ASN A 80 -20.26 -16.03 24.45
N ILE A 81 -19.90 -15.46 23.30
CA ILE A 81 -18.95 -16.07 22.36
C ILE A 81 -17.87 -15.07 21.93
N ALA A 82 -16.76 -15.61 21.42
CA ALA A 82 -15.67 -14.83 20.82
C ALA A 82 -15.45 -15.23 19.36
N ILE A 83 -15.35 -14.23 18.48
CA ILE A 83 -15.13 -14.44 17.04
C ILE A 83 -13.65 -14.18 16.73
N THR A 84 -13.02 -15.16 16.09
CA THR A 84 -11.60 -15.07 15.74
C THR A 84 -11.35 -15.41 14.27
N PHE A 85 -10.75 -14.48 13.52
CA PHE A 85 -10.37 -14.73 12.13
C PHE A 85 -9.42 -15.92 12.00
N ASP A 86 -9.57 -16.67 10.93
CA ASP A 86 -8.68 -17.80 10.62
C ASP A 86 -7.90 -17.51 9.33
N ALA A 87 -6.60 -17.31 9.49
CA ALA A 87 -5.71 -16.99 8.36
C ALA A 87 -4.30 -17.53 8.61
N PRO A 88 -3.62 -18.02 7.55
CA PRO A 88 -2.25 -18.53 7.73
C PRO A 88 -1.19 -17.44 7.92
N ILE A 89 -1.49 -16.20 7.52
CA ILE A 89 -0.60 -15.06 7.76
C ILE A 89 -1.30 -13.93 8.47
N TRP A 90 -0.59 -13.23 9.35
CA TRP A 90 -1.17 -12.08 10.07
C TRP A 90 -0.09 -11.02 10.38
N PRO A 91 0.10 -10.03 9.47
CA PRO A 91 1.07 -8.93 9.58
C PRO A 91 0.96 -7.96 10.75
N CYS A 92 -0.16 -7.92 11.44
CA CYS A 92 -0.26 -7.04 12.62
C CYS A 92 0.22 -7.81 13.85
N PRO A 93 0.84 -7.11 14.83
CA PRO A 93 1.39 -7.77 16.01
C PRO A 93 0.35 -8.16 17.08
N SER A 94 -0.91 -8.34 16.70
CA SER A 94 -1.98 -8.64 17.64
C SER A 94 -2.90 -9.77 17.18
N SER A 95 -3.85 -10.17 18.03
CA SER A 95 -4.70 -11.33 17.78
C SER A 95 -5.69 -11.14 16.62
N LYS A 96 -6.24 -12.26 16.15
CA LYS A 96 -7.26 -12.23 15.11
C LYS A 96 -8.68 -12.21 15.71
N THR A 97 -8.77 -12.00 17.01
CA THR A 97 -10.05 -11.99 17.73
C THR A 97 -10.71 -10.61 17.67
N TRP A 98 -11.98 -10.61 17.30
CA TRP A 98 -12.79 -9.39 17.24
C TRP A 98 -12.99 -8.81 18.63
N THR A 99 -13.09 -7.48 18.67
CA THR A 99 -13.26 -6.72 19.91
C THR A 99 -13.75 -5.31 19.55
N VAL A 100 -14.02 -4.49 20.56
CA VAL A 100 -14.49 -3.12 20.30
C VAL A 100 -13.38 -2.12 20.57
N ASP A 101 -13.17 -1.23 19.60
CA ASP A 101 -12.28 -0.08 19.70
C ASP A 101 -12.96 1.00 20.55
N SER A 102 -12.70 1.00 21.87
CA SER A 102 -13.29 1.96 22.81
C SER A 102 -12.87 3.40 22.53
N SER A 103 -11.57 3.59 22.31
CA SER A 103 -10.97 4.91 22.08
C SER A 103 -11.57 5.71 20.91
N SER A 104 -12.03 5.02 19.87
CA SER A 104 -12.60 5.68 18.69
C SER A 104 -14.03 6.17 18.94
N GLU A 105 -14.39 7.25 18.26
CA GLU A 105 -15.72 7.84 18.28
C GLU A 105 -16.73 6.88 17.62
N GLU A 106 -16.23 6.22 16.57
CA GLU A 106 -17.03 5.35 15.72
C GLU A 106 -17.37 4.04 16.39
N LYS A 107 -16.54 3.62 17.35
CA LYS A 107 -16.67 2.33 18.05
C LYS A 107 -16.55 1.13 17.09
N TYR A 108 -15.56 1.21 16.20
CA TYR A 108 -15.25 0.16 15.22
C TYR A 108 -15.03 -1.19 15.88
N ILE A 109 -15.54 -2.24 15.24
CA ILE A 109 -15.14 -3.58 15.64
C ILE A 109 -13.78 -3.82 15.00
N ILE A 110 -12.80 -4.14 15.85
CA ILE A 110 -11.41 -4.28 15.42
C ILE A 110 -10.84 -5.64 15.87
N THR A 111 -9.69 -6.00 15.31
CA THR A 111 -8.98 -7.22 15.71
C THR A 111 -8.10 -6.95 16.94
N GLY A 112 -7.41 -7.99 17.43
CA GLY A 112 -6.50 -7.84 18.56
C GLY A 112 -7.09 -8.01 19.95
N GLY A 113 -8.32 -8.47 20.06
CA GLY A 113 -8.93 -8.76 21.37
C GLY A 113 -8.39 -10.02 22.02
N ASP A 114 -8.73 -10.22 23.29
CA ASP A 114 -8.38 -11.46 24.00
C ASP A 114 -9.61 -12.37 23.98
N PRO A 115 -9.52 -13.56 23.32
CA PRO A 115 -10.66 -14.49 23.20
C PRO A 115 -11.20 -14.96 24.56
N LYS A 116 -10.34 -14.96 25.58
CA LYS A 116 -10.69 -15.38 26.95
C LYS A 116 -11.21 -14.23 27.81
N SER A 117 -10.95 -12.99 27.39
CA SER A 117 -11.37 -11.79 28.10
C SER A 117 -12.74 -11.29 27.64
N GLY A 118 -13.47 -10.65 28.56
CA GLY A 118 -14.82 -10.14 28.34
C GLY A 118 -14.96 -9.03 27.32
N GLU A 119 -13.85 -8.35 27.04
CA GLU A 119 -13.75 -7.30 26.02
C GLU A 119 -14.09 -7.82 24.61
N SER A 120 -13.96 -9.13 24.44
CA SER A 120 -14.15 -9.82 23.16
C SER A 120 -15.47 -10.58 23.06
N PHE A 121 -16.30 -10.50 24.10
CA PHE A 121 -17.55 -11.25 24.12
C PHE A 121 -18.65 -10.53 23.37
N PHE A 122 -19.17 -11.22 22.37
CA PHE A 122 -20.36 -10.79 21.67
C PHE A 122 -21.41 -11.88 21.90
N ARG A 123 -22.66 -11.53 21.63
CA ARG A 123 -23.76 -12.48 21.64
C ARG A 123 -24.45 -12.51 20.29
N ILE A 124 -24.68 -13.73 19.79
CA ILE A 124 -25.41 -13.94 18.55
C ILE A 124 -26.91 -14.03 18.87
N GLU A 125 -27.70 -13.17 18.23
CA GLU A 125 -29.14 -13.10 18.44
C GLU A 125 -29.86 -13.17 17.11
N LYS A 126 -31.13 -13.61 17.13
CA LYS A 126 -31.96 -13.64 15.93
C LYS A 126 -32.25 -12.24 15.38
N TYR A 127 -32.26 -12.13 14.06
CA TYR A 127 -32.59 -10.88 13.39
C TYR A 127 -33.89 -11.08 12.59
N GLY A 128 -34.77 -10.07 12.65
CA GLY A 128 -36.02 -9.97 11.88
C GLY A 128 -36.31 -10.82 10.65
N ASN A 129 -37.54 -11.31 10.59
CA ASN A 129 -38.00 -12.32 9.58
C ASN A 129 -37.22 -13.56 9.29
N GLY A 130 -36.46 -13.58 8.17
CA GLY A 130 -35.79 -14.75 7.61
C GLY A 130 -35.04 -15.64 8.56
N LYS A 131 -35.12 -16.94 8.30
CA LYS A 131 -34.42 -17.97 9.07
C LYS A 131 -32.91 -17.88 8.83
N ASN A 132 -32.14 -18.39 9.80
CA ASN A 132 -30.66 -18.41 9.74
C ASN A 132 -30.00 -17.02 9.63
N THR A 133 -30.77 -15.98 9.98
CA THR A 133 -30.29 -14.61 9.97
C THR A 133 -30.12 -14.09 11.41
N TYR A 134 -28.95 -13.52 11.66
CA TYR A 134 -28.54 -13.15 13.00
C TYR A 134 -27.97 -11.74 13.07
N LYS A 135 -27.79 -11.25 14.29
CA LYS A 135 -27.09 -10.00 14.53
C LYS A 135 -26.11 -10.23 15.66
N LEU A 136 -25.07 -9.41 15.74
CA LEU A 136 -24.15 -9.45 16.87
C LEU A 136 -24.48 -8.35 17.85
N VAL A 137 -24.56 -8.71 19.13
CA VAL A 137 -24.91 -7.77 20.19
C VAL A 137 -23.87 -7.87 21.30
N ARG A 138 -23.52 -6.73 21.87
CA ARG A 138 -22.58 -6.65 22.97
C ARG A 138 -23.21 -6.14 24.27
N TYR A 139 -22.98 -6.91 25.33
CA TYR A 139 -23.40 -6.58 26.68
C TYR A 139 -22.15 -6.37 27.53
N GLY A 144 -28.13 -3.59 26.13
CA GLY A 144 -27.92 -4.20 24.80
C GLY A 144 -27.49 -3.28 23.67
N LYS A 145 -26.26 -3.47 23.22
CA LYS A 145 -25.69 -2.67 22.12
C LYS A 145 -25.35 -3.56 20.92
N SER A 146 -26.03 -3.33 19.81
CA SER A 146 -25.87 -4.18 18.63
C SER A 146 -24.81 -3.67 17.64
N VAL A 147 -24.26 -4.61 16.85
CA VAL A 147 -23.25 -4.31 15.84
C VAL A 147 -23.96 -3.87 14.57
N GLY A 148 -23.61 -2.66 14.13
CA GLY A 148 -24.09 -2.10 12.86
C GLY A 148 -22.94 -1.83 11.93
N SER A 149 -23.12 -0.90 11.01
CA SER A 149 -22.06 -0.56 10.07
C SER A 149 -22.01 0.93 9.78
N THR A 150 -20.81 1.42 9.44
CA THR A 150 -20.60 2.82 9.07
C THR A 150 -19.70 2.90 7.83
N LYS A 151 -19.89 3.94 7.04
CA LYS A 151 -19.01 4.25 5.92
C LYS A 151 -17.58 4.44 6.41
N SER A 152 -16.63 3.81 5.74
CA SER A 152 -15.20 3.96 6.03
C SER A 152 -14.36 3.85 4.76
N LEU A 153 -13.05 4.00 4.92
CA LEU A 153 -12.07 3.95 3.82
C LEU A 153 -12.36 2.90 2.74
N TRP A 154 -12.51 1.64 3.15
CA TRP A 154 -12.64 0.52 2.22
C TRP A 154 -14.07 0.06 1.97
N GLY A 155 -15.04 0.75 2.58
CA GLY A 155 -16.45 0.38 2.47
C GLY A 155 -17.11 0.33 3.85
N PRO A 156 -18.29 -0.35 3.94
CA PRO A 156 -18.97 -0.44 5.23
C PRO A 156 -18.11 -1.20 6.24
N ALA A 157 -17.87 -0.57 7.38
CA ALA A 157 -17.10 -1.21 8.46
C ALA A 157 -18.02 -1.43 9.64
N LEU A 158 -17.86 -2.60 10.27
CA LEU A 158 -18.62 -2.95 11.47
C LEU A 158 -18.32 -2.00 12.62
N VAL A 159 -19.38 -1.54 13.27
CA VAL A 159 -19.29 -0.65 14.45
C VAL A 159 -20.26 -1.10 15.52
N LEU A 160 -20.04 -0.63 16.74
CA LEU A 160 -20.99 -0.81 17.82
C LEU A 160 -21.99 0.35 17.78
N ASN A 161 -23.28 0.04 17.68
CA ASN A 161 -24.34 1.07 17.75
C ASN A 161 -24.51 1.55 19.19
N ASP A 162 -25.22 2.65 19.39
CA ASP A 162 -25.56 3.05 20.80
C ASP A 162 -26.88 2.47 21.28
N ALA A 170 -28.93 -2.53 13.07
CA ALA A 170 -28.10 -3.76 13.26
C ALA A 170 -27.71 -4.31 11.88
N PHE A 171 -26.48 -4.82 11.77
CA PHE A 171 -25.95 -5.38 10.53
C PHE A 171 -26.26 -6.88 10.50
N PRO A 172 -27.27 -7.30 9.69
CA PRO A 172 -27.68 -8.70 9.70
C PRO A 172 -26.65 -9.60 9.03
N ILE A 173 -26.42 -10.77 9.62
CA ILE A 173 -25.38 -11.71 9.17
C ILE A 173 -25.90 -13.14 9.06
N LYS A 174 -25.25 -13.91 8.20
CA LYS A 174 -25.47 -15.36 8.10
C LYS A 174 -24.12 -16.03 8.27
N PHE A 175 -24.13 -17.28 8.68
CA PHE A 175 -22.92 -18.05 8.84
C PHE A 175 -22.89 -19.13 7.77
N ARG A 176 -21.94 -19.04 6.85
CA ARG A 176 -21.78 -20.05 5.79
C ARG A 176 -20.61 -20.94 6.16
N GLU A 177 -20.83 -22.24 6.16
CA GLU A 177 -19.77 -23.19 6.46
C GLU A 177 -18.75 -23.26 5.32
N VAL A 178 -17.48 -23.18 5.70
CA VAL A 178 -16.36 -23.23 4.77
C VAL A 178 -16.11 -24.68 4.36
N ASP A 179 -16.10 -24.94 3.06
CA ASP A 179 -16.06 -26.32 2.52
C ASP A 179 -14.72 -27.10 2.36
N GLU B 4 -8.66 -30.97 -30.90
CA GLU B 4 -9.57 -29.80 -30.74
C GLU B 4 -10.85 -30.17 -29.98
N GLU B 5 -10.68 -30.74 -28.80
CA GLU B 5 -11.80 -31.15 -27.94
C GLU B 5 -12.16 -30.10 -26.87
N PRO B 6 -13.43 -30.09 -26.37
CA PRO B 6 -13.82 -29.04 -25.42
C PRO B 6 -13.06 -29.07 -24.09
N VAL B 7 -12.73 -27.87 -23.61
CA VAL B 7 -12.15 -27.67 -22.27
C VAL B 7 -13.29 -27.88 -21.28
N LYS B 8 -13.01 -28.60 -20.20
CA LYS B 8 -14.02 -28.93 -19.20
C LYS B 8 -13.70 -28.25 -17.85
N ASP B 9 -14.74 -27.82 -17.15
CA ASP B 9 -14.59 -27.25 -15.82
C ASP B 9 -14.40 -28.34 -14.76
N THR B 10 -14.32 -27.95 -13.48
CA THR B 10 -14.16 -28.90 -12.36
C THR B 10 -15.29 -29.92 -12.23
N ASN B 11 -16.48 -29.57 -12.73
CA ASN B 11 -17.64 -30.46 -12.77
C ASN B 11 -17.70 -31.36 -14.00
N GLY B 12 -16.63 -31.36 -14.79
CA GLY B 12 -16.59 -32.11 -16.04
C GLY B 12 -17.45 -31.52 -17.16
N ASN B 13 -18.12 -30.39 -16.88
CA ASN B 13 -18.92 -29.66 -17.86
C ASN B 13 -18.08 -28.89 -18.88
N PRO B 14 -18.57 -28.79 -20.14
CA PRO B 14 -17.79 -28.01 -21.11
C PRO B 14 -17.81 -26.50 -20.79
N LEU B 15 -16.64 -25.88 -20.94
CA LEU B 15 -16.46 -24.43 -20.80
C LEU B 15 -17.25 -23.65 -21.83
N LYS B 16 -17.90 -22.59 -21.38
CA LYS B 16 -18.65 -21.68 -22.25
C LYS B 16 -18.01 -20.29 -22.24
N ILE B 17 -18.02 -19.61 -23.39
CA ILE B 17 -17.57 -18.22 -23.47
C ILE B 17 -18.55 -17.33 -22.72
N GLU B 18 -18.09 -16.12 -22.35
CA GLU B 18 -18.89 -15.11 -21.64
C GLU B 18 -19.55 -15.68 -20.36
N THR B 19 -18.81 -16.57 -19.71
CA THR B 19 -19.24 -17.25 -18.49
C THR B 19 -18.10 -17.14 -17.50
N ARG B 20 -18.44 -16.85 -16.23
CA ARG B 20 -17.44 -16.60 -15.22
C ARG B 20 -16.82 -17.89 -14.67
N TYR B 21 -15.49 -17.95 -14.68
CA TYR B 21 -14.75 -19.04 -14.06
C TYR B 21 -13.64 -18.51 -13.17
N PHE B 22 -13.44 -19.17 -12.03
CA PHE B 22 -12.20 -19.01 -11.28
C PHE B 22 -11.18 -19.90 -11.97
N ILE B 23 -10.01 -19.35 -12.26
CA ILE B 23 -8.88 -20.16 -12.67
C ILE B 23 -8.13 -20.55 -11.42
N GLN B 24 -8.27 -21.81 -11.05
CA GLN B 24 -7.69 -22.36 -9.81
C GLN B 24 -6.47 -23.20 -10.11
N PRO B 25 -5.37 -22.96 -9.38
CA PRO B 25 -4.18 -23.80 -9.50
C PRO B 25 -4.57 -25.27 -9.24
N ALA B 26 -4.20 -26.14 -10.17
CA ALA B 26 -4.53 -27.55 -10.09
C ALA B 26 -3.61 -28.27 -9.12
N SER B 27 -2.40 -27.74 -8.96
CA SER B 27 -1.30 -28.39 -8.24
C SER B 27 -1.57 -28.80 -6.77
N GLY B 31 -3.11 -22.79 -0.57
CA GLY B 31 -3.41 -21.48 -1.19
C GLY B 31 -4.63 -21.53 -2.10
N GLY B 32 -5.08 -20.36 -2.54
CA GLY B 32 -6.31 -20.25 -3.32
C GLY B 32 -6.08 -19.95 -4.79
N GLY B 33 -7.01 -19.19 -5.37
CA GLY B 33 -7.05 -18.96 -6.81
C GLY B 33 -6.13 -17.87 -7.34
N LEU B 34 -6.30 -17.56 -8.63
CA LEU B 34 -5.45 -16.55 -9.28
C LEU B 34 -6.08 -15.17 -9.21
N VAL B 35 -5.26 -14.17 -8.88
CA VAL B 35 -5.74 -12.82 -8.55
C VAL B 35 -4.79 -11.75 -9.12
N PRO B 36 -5.30 -10.53 -9.41
CA PRO B 36 -4.36 -9.48 -9.79
C PRO B 36 -3.55 -8.99 -8.59
N ALA B 37 -2.25 -8.84 -8.82
CA ALA B 37 -1.36 -8.14 -7.90
C ALA B 37 -0.27 -7.53 -8.75
N ASN B 38 0.34 -6.44 -8.26
CA ASN B 38 1.46 -5.83 -8.98
C ASN B 38 2.68 -6.78 -8.90
N VAL B 39 3.50 -6.78 -9.95
CA VAL B 39 4.57 -7.79 -10.08
C VAL B 39 5.77 -7.52 -9.16
N ASP B 40 6.08 -6.24 -9.00
CA ASP B 40 7.16 -5.73 -8.13
C ASP B 40 6.85 -4.29 -7.76
N LEU B 41 7.73 -3.68 -6.95
CA LEU B 41 7.60 -2.28 -6.50
C LEU B 41 7.99 -1.21 -7.53
N SER B 42 8.30 -1.64 -8.75
CA SER B 42 8.62 -0.74 -9.86
C SER B 42 7.46 -0.60 -10.84
N HIS B 43 6.49 -1.50 -10.74
CA HIS B 43 5.36 -1.50 -11.67
C HIS B 43 4.05 -1.63 -10.90
N LEU B 44 3.28 -0.54 -10.87
CA LEU B 44 1.93 -0.55 -10.28
C LEU B 44 0.88 -1.05 -11.27
N CYS B 45 0.87 -0.46 -12.45
CA CYS B 45 -0.03 -0.84 -13.52
C CYS B 45 0.82 -1.10 -14.76
N PRO B 46 0.44 -2.10 -15.58
CA PRO B 46 -0.68 -2.98 -15.32
C PRO B 46 -0.32 -4.07 -14.29
N LEU B 47 -1.25 -4.99 -14.07
CA LEU B 47 -1.14 -5.94 -12.98
C LEU B 47 -0.70 -7.31 -13.46
N GLY B 48 0.01 -8.02 -12.59
CA GLY B 48 0.35 -9.42 -12.80
C GLY B 48 -0.74 -10.32 -12.25
N ILE B 49 -0.50 -11.62 -12.34
CA ILE B 49 -1.46 -12.62 -11.91
C ILE B 49 -0.73 -13.49 -10.90
N VAL B 50 -1.18 -13.45 -9.65
CA VAL B 50 -0.54 -14.20 -8.57
C VAL B 50 -1.49 -15.23 -7.97
N ARG B 51 -0.92 -16.32 -7.47
CA ARG B 51 -1.63 -17.29 -6.67
C ARG B 51 -1.73 -16.74 -5.26
N THR B 52 -2.95 -16.50 -4.79
CA THR B 52 -3.15 -16.03 -3.42
C THR B 52 -2.74 -17.11 -2.42
N SER B 53 -2.13 -16.70 -1.30
CA SER B 53 -1.71 -17.66 -0.28
C SER B 53 -2.83 -17.98 0.72
N LEU B 54 -3.94 -17.23 0.63
CA LEU B 54 -5.08 -17.44 1.50
C LEU B 54 -5.94 -18.57 0.97
N PRO B 55 -6.10 -19.64 1.76
CA PRO B 55 -6.62 -20.89 1.22
C PRO B 55 -8.08 -20.94 0.72
N TYR B 56 -8.95 -20.05 1.16
CA TYR B 56 -10.35 -20.21 0.68
C TYR B 56 -10.80 -19.13 -0.28
N GLN B 57 -9.84 -18.32 -0.71
CA GLN B 57 -10.08 -17.29 -1.70
C GLN B 57 -10.12 -17.97 -3.06
N PRO B 58 -11.25 -17.80 -3.78
CA PRO B 58 -11.46 -18.56 -5.00
C PRO B 58 -10.67 -18.04 -6.21
N GLY B 59 -10.16 -16.82 -6.12
CA GLY B 59 -9.54 -16.14 -7.25
C GLY B 59 -10.43 -15.01 -7.74
N LEU B 60 -9.90 -14.13 -8.58
CA LEU B 60 -10.78 -13.19 -9.28
C LEU B 60 -11.30 -13.90 -10.53
N PRO B 61 -12.64 -13.92 -10.70
CA PRO B 61 -13.22 -14.60 -11.87
C PRO B 61 -12.76 -14.02 -13.21
N VAL B 62 -12.70 -14.89 -14.21
CA VAL B 62 -12.40 -14.50 -15.60
C VAL B 62 -13.54 -14.92 -16.52
N THR B 63 -13.67 -14.24 -17.64
CA THR B 63 -14.48 -14.74 -18.77
C THR B 63 -13.55 -15.01 -19.94
N ILE B 64 -13.90 -16.02 -20.73
CA ILE B 64 -13.08 -16.42 -21.88
C ILE B 64 -13.80 -16.00 -23.15
N SER B 65 -13.03 -15.44 -24.09
CA SER B 65 -13.56 -15.05 -25.40
C SER B 65 -12.75 -15.74 -26.51
N THR B 66 -13.45 -16.04 -27.59
CA THR B 66 -12.87 -16.53 -28.83
C THR B 66 -12.96 -15.47 -29.92
N PRO B 67 -11.82 -15.14 -30.57
CA PRO B 67 -11.83 -14.30 -31.76
C PRO B 67 -12.56 -15.01 -32.90
N ASN B 73 -20.51 -21.30 -28.63
CA ASN B 73 -20.19 -20.84 -27.28
C ASN B 73 -19.15 -21.70 -26.57
N ASP B 74 -18.77 -22.81 -27.18
CA ASP B 74 -17.82 -23.75 -26.56
C ASP B 74 -16.37 -23.26 -26.65
N VAL B 75 -15.62 -23.54 -25.61
CA VAL B 75 -14.19 -23.24 -25.56
C VAL B 75 -13.46 -24.56 -25.78
N LEU B 76 -12.66 -24.60 -26.84
CA LEU B 76 -11.99 -25.83 -27.22
C LEU B 76 -10.50 -25.77 -26.93
N THR B 77 -9.89 -26.93 -26.64
CA THR B 77 -8.44 -27.01 -26.48
C THR B 77 -7.75 -26.65 -27.79
N ASN B 78 -6.48 -26.25 -27.70
CA ASN B 78 -5.64 -25.90 -28.88
C ASN B 78 -6.24 -24.86 -29.85
N THR B 79 -7.12 -24.01 -29.35
CA THR B 79 -7.70 -22.89 -30.12
C THR B 79 -7.36 -21.57 -29.44
N ASN B 80 -7.21 -20.53 -30.26
CA ASN B 80 -6.98 -19.17 -29.80
C ASN B 80 -8.12 -18.64 -28.95
N ILE B 81 -7.79 -18.34 -27.69
CA ILE B 81 -8.72 -17.69 -26.75
C ILE B 81 -8.06 -16.51 -26.05
N ALA B 82 -8.89 -15.61 -25.52
CA ALA B 82 -8.45 -14.49 -24.69
C ALA B 82 -9.09 -14.56 -23.30
N ILE B 83 -8.27 -14.38 -22.27
CA ILE B 83 -8.71 -14.43 -20.86
C ILE B 83 -8.85 -13.01 -20.33
N THR B 84 -10.01 -12.68 -19.79
CA THR B 84 -10.29 -11.34 -19.27
C THR B 84 -10.88 -11.38 -17.86
N PHE B 85 -10.21 -10.72 -16.91
CA PHE B 85 -10.73 -10.61 -15.54
C PHE B 85 -12.11 -9.95 -15.50
N ASP B 86 -12.95 -10.41 -14.59
CA ASP B 86 -14.28 -9.83 -14.37
C ASP B 86 -14.35 -9.19 -12.98
N ALA B 87 -14.43 -7.87 -12.94
CA ALA B 87 -14.42 -7.12 -11.67
C ALA B 87 -15.23 -5.82 -11.79
N PRO B 88 -15.96 -5.43 -10.72
CA PRO B 88 -16.72 -4.18 -10.77
C PRO B 88 -15.88 -2.91 -10.63
N ILE B 89 -14.65 -3.03 -10.12
CA ILE B 89 -13.72 -1.89 -10.03
C ILE B 89 -12.38 -2.24 -10.67
N TRP B 90 -11.76 -1.28 -11.35
CA TRP B 90 -10.45 -1.50 -11.97
C TRP B 90 -9.62 -0.19 -11.98
N PRO B 91 -8.82 0.04 -10.91
CA PRO B 91 -7.97 1.23 -10.71
C PRO B 91 -6.87 1.53 -11.73
N CYS B 92 -6.48 0.56 -12.55
CA CYS B 92 -5.46 0.81 -13.55
C CYS B 92 -6.13 1.30 -14.83
N PRO B 93 -5.45 2.18 -15.59
CA PRO B 93 -6.05 2.75 -16.81
C PRO B 93 -6.02 1.82 -18.03
N SER B 94 -5.98 0.50 -17.83
CA SER B 94 -5.92 -0.43 -18.96
C SER B 94 -6.89 -1.63 -18.81
N SER B 95 -6.96 -2.49 -19.82
CA SER B 95 -7.93 -3.58 -19.87
C SER B 95 -7.69 -4.68 -18.82
N LYS B 96 -8.71 -5.50 -18.62
CA LYS B 96 -8.61 -6.63 -17.72
C LYS B 96 -8.20 -7.93 -18.45
N THR B 97 -7.80 -7.78 -19.72
CA THR B 97 -7.40 -8.91 -20.57
C THR B 97 -5.94 -9.28 -20.36
N TRP B 98 -5.70 -10.57 -20.13
CA TRP B 98 -4.36 -11.12 -19.97
C TRP B 98 -3.56 -11.00 -21.25
N THR B 99 -2.24 -10.83 -21.10
CA THR B 99 -1.30 -10.68 -22.21
C THR B 99 0.11 -10.90 -21.67
N VAL B 100 1.11 -10.86 -22.55
CA VAL B 100 2.51 -11.07 -22.12
C VAL B 100 3.27 -9.77 -22.09
N ASP B 101 3.93 -9.53 -20.96
CA ASP B 101 4.84 -8.41 -20.76
C ASP B 101 6.16 -8.72 -21.47
N SER B 102 6.29 -8.26 -22.72
CA SER B 102 7.50 -8.48 -23.55
C SER B 102 8.74 -7.81 -22.94
N SER B 103 8.58 -6.55 -22.53
CA SER B 103 9.66 -5.73 -22.00
C SER B 103 10.41 -6.34 -20.80
N SER B 104 9.70 -7.09 -19.95
CA SER B 104 10.31 -7.71 -18.76
C SER B 104 11.16 -8.92 -19.10
N GLU B 105 12.19 -9.13 -18.28
CA GLU B 105 13.06 -10.31 -18.36
C GLU B 105 12.30 -11.57 -17.99
N GLU B 106 11.38 -11.40 -17.03
CA GLU B 106 10.61 -12.47 -16.42
C GLU B 106 9.52 -12.98 -17.37
N LYS B 107 9.07 -12.13 -18.28
CA LYS B 107 7.97 -12.41 -19.21
C LYS B 107 6.64 -12.68 -18.47
N TYR B 108 6.36 -11.84 -17.48
CA TYR B 108 5.14 -11.89 -16.67
C TYR B 108 3.88 -11.86 -17.52
N ILE B 109 2.88 -12.65 -17.14
CA ILE B 109 1.56 -12.48 -17.72
C ILE B 109 0.93 -11.29 -16.98
N ILE B 110 0.53 -10.29 -17.75
CA ILE B 110 0.01 -9.04 -17.19
C ILE B 110 -1.34 -8.69 -17.79
N THR B 111 -2.04 -7.73 -17.17
CA THR B 111 -3.31 -7.23 -17.69
C THR B 111 -3.08 -6.14 -18.74
N GLY B 112 -4.16 -5.61 -19.32
CA GLY B 112 -4.06 -4.53 -20.31
C GLY B 112 -3.91 -4.94 -21.77
N GLY B 113 -4.07 -6.21 -22.09
CA GLY B 113 -4.04 -6.68 -23.47
C GLY B 113 -5.29 -6.31 -24.27
N ASP B 114 -5.23 -6.50 -25.59
CA ASP B 114 -6.41 -6.31 -26.44
C ASP B 114 -7.03 -7.70 -26.71
N PRO B 115 -8.28 -7.94 -26.24
CA PRO B 115 -8.94 -9.25 -26.41
C PRO B 115 -9.09 -9.68 -27.87
N LYS B 116 -9.15 -8.71 -28.77
CA LYS B 116 -9.30 -8.92 -30.22
C LYS B 116 -7.95 -9.09 -30.94
N SER B 117 -6.88 -8.64 -30.29
CA SER B 117 -5.53 -8.71 -30.84
C SER B 117 -4.79 -9.99 -30.46
N GLY B 118 -3.89 -10.43 -31.36
CA GLY B 118 -3.12 -11.67 -31.21
C GLY B 118 -2.15 -11.71 -30.04
N GLU B 119 -1.79 -10.53 -29.53
CA GLU B 119 -0.92 -10.37 -28.35
C GLU B 119 -1.53 -11.02 -27.09
N SER B 120 -2.85 -11.18 -27.11
CA SER B 120 -3.65 -11.68 -25.99
C SER B 120 -4.11 -13.13 -26.18
N PHE B 121 -3.69 -13.77 -27.27
CA PHE B 121 -4.14 -15.13 -27.55
C PHE B 121 -3.30 -16.16 -26.82
N PHE B 122 -3.98 -16.94 -26.00
CA PHE B 122 -3.40 -18.12 -25.37
C PHE B 122 -4.18 -19.30 -25.90
N ARG B 123 -3.59 -20.49 -25.71
CA ARG B 123 -4.27 -21.73 -26.00
C ARG B 123 -4.31 -22.61 -24.76
N ILE B 124 -5.49 -23.16 -24.48
CA ILE B 124 -5.70 -24.10 -23.38
C ILE B 124 -5.41 -25.52 -23.88
N GLU B 125 -4.48 -26.20 -23.21
CA GLU B 125 -4.05 -27.54 -23.57
C GLU B 125 -4.10 -28.46 -22.36
N LYS B 126 -4.21 -29.77 -22.59
CA LYS B 126 -4.22 -30.77 -21.51
C LYS B 126 -2.89 -30.83 -20.77
N TYR B 127 -2.97 -31.01 -19.45
CA TYR B 127 -1.80 -31.18 -18.62
C TYR B 127 -1.79 -32.57 -18.01
N GLY B 128 -0.62 -33.22 -17.99
CA GLY B 128 -0.34 -34.50 -17.31
C GLY B 128 -1.44 -35.55 -17.12
N ASN B 129 -1.45 -36.16 -15.93
CA ASN B 129 -2.40 -37.24 -15.55
C ASN B 129 -3.84 -36.78 -15.46
N GLY B 130 -4.21 -36.15 -14.34
CA GLY B 130 -5.60 -35.86 -13.94
C GLY B 130 -6.49 -35.22 -14.99
N LYS B 131 -7.75 -35.61 -14.97
CA LYS B 131 -8.79 -35.03 -15.82
C LYS B 131 -9.10 -33.61 -15.39
N ASN B 132 -9.65 -32.83 -16.32
CA ASN B 132 -10.00 -31.41 -16.11
C ASN B 132 -8.82 -30.49 -15.72
N THR B 133 -7.61 -30.97 -15.97
CA THR B 133 -6.38 -30.23 -15.68
C THR B 133 -5.73 -29.74 -16.96
N TYR B 134 -5.40 -28.45 -16.98
CA TYR B 134 -4.95 -27.79 -18.19
C TYR B 134 -3.71 -26.94 -17.95
N LYS B 135 -3.12 -26.48 -19.05
CA LYS B 135 -2.04 -25.50 -19.00
C LYS B 135 -2.35 -24.43 -20.04
N LEU B 136 -1.79 -23.24 -19.87
CA LEU B 136 -1.89 -22.20 -20.87
C LEU B 136 -0.62 -22.16 -21.70
N VAL B 137 -0.77 -22.11 -23.02
CA VAL B 137 0.36 -22.10 -23.95
C VAL B 137 0.17 -20.96 -24.93
N GLY B 144 4.52 -22.80 -28.91
CA GLY B 144 4.94 -23.83 -28.00
C GLY B 144 5.70 -23.24 -26.87
N LYS B 145 5.23 -22.13 -26.32
CA LYS B 145 5.73 -21.61 -25.04
C LYS B 145 4.62 -21.62 -23.99
N SER B 146 4.81 -22.41 -22.93
CA SER B 146 3.79 -22.58 -21.91
C SER B 146 3.92 -21.59 -20.73
N VAL B 147 2.79 -21.36 -20.05
CA VAL B 147 2.73 -20.48 -18.90
C VAL B 147 3.14 -21.25 -17.65
N GLY B 148 4.17 -20.72 -16.99
CA GLY B 148 4.66 -21.26 -15.71
C GLY B 148 4.51 -20.21 -14.63
N SER B 149 5.31 -20.32 -13.57
CA SER B 149 5.26 -19.35 -12.49
C SER B 149 6.64 -19.04 -11.95
N THR B 150 6.79 -17.84 -11.41
CA THR B 150 8.03 -17.39 -10.78
C THR B 150 7.73 -16.68 -9.45
N LYS B 151 8.67 -16.78 -8.51
CA LYS B 151 8.58 -16.06 -7.26
C LYS B 151 8.53 -14.54 -7.57
N SER B 152 7.62 -13.84 -6.91
CA SER B 152 7.48 -12.39 -7.03
C SER B 152 7.00 -11.78 -5.71
N LEU B 153 6.87 -10.45 -5.70
CA LEU B 153 6.44 -9.67 -4.53
C LEU B 153 5.35 -10.33 -3.68
N TRP B 154 4.22 -10.67 -4.31
CA TRP B 154 3.04 -11.17 -3.59
C TRP B 154 2.89 -12.68 -3.59
N GLY B 155 3.85 -13.38 -4.17
CA GLY B 155 3.80 -14.84 -4.29
C GLY B 155 4.11 -15.30 -5.71
N PRO B 156 3.74 -16.56 -6.05
CA PRO B 156 3.99 -17.05 -7.42
C PRO B 156 3.21 -16.24 -8.42
N ALA B 157 3.91 -15.69 -9.41
CA ALA B 157 3.29 -14.94 -10.48
C ALA B 157 3.43 -15.69 -11.79
N LEU B 158 2.37 -15.68 -12.59
CA LEU B 158 2.37 -16.32 -13.90
C LEU B 158 3.37 -15.66 -14.85
N VAL B 159 4.15 -16.50 -15.52
CA VAL B 159 5.16 -16.09 -16.50
C VAL B 159 5.11 -16.96 -17.74
N LEU B 160 5.68 -16.47 -18.82
CA LEU B 160 5.89 -17.28 -20.02
C LEU B 160 7.22 -18.02 -19.89
N ASN B 161 7.18 -19.35 -20.00
CA ASN B 161 8.40 -20.15 -20.01
C ASN B 161 9.15 -20.00 -21.34
N ASP B 162 10.39 -20.48 -21.36
CA ASP B 162 11.25 -20.46 -22.52
C ASP B 162 10.95 -21.59 -23.52
N ASP B 163 11.20 -21.29 -24.80
CA ASP B 163 11.10 -22.23 -25.94
C ASP B 163 10.11 -23.40 -26.00
N GLU B 168 6.60 -29.91 -17.54
CA GLU B 168 7.62 -29.86 -16.46
C GLU B 168 7.53 -28.57 -15.63
N ASN B 169 7.67 -27.41 -16.31
CA ASN B 169 7.62 -26.09 -15.70
C ASN B 169 6.29 -25.36 -15.93
N ALA B 170 5.31 -26.02 -16.55
CA ALA B 170 4.00 -25.44 -16.78
C ALA B 170 3.22 -25.35 -15.48
N PHE B 171 2.45 -24.28 -15.32
CA PHE B 171 1.60 -24.06 -14.15
C PHE B 171 0.22 -24.66 -14.40
N PRO B 172 -0.06 -25.85 -13.80
CA PRO B 172 -1.33 -26.52 -14.09
C PRO B 172 -2.52 -25.80 -13.48
N ILE B 173 -3.62 -25.73 -14.23
CA ILE B 173 -4.82 -25.00 -13.83
C ILE B 173 -6.10 -25.82 -14.04
N LYS B 174 -7.13 -25.47 -13.26
CA LYS B 174 -8.49 -25.98 -13.43
C LYS B 174 -9.42 -24.81 -13.54
N PHE B 175 -10.56 -25.02 -14.16
CA PHE B 175 -11.55 -23.96 -14.29
C PHE B 175 -12.74 -24.32 -13.42
N ARG B 176 -13.01 -23.51 -12.41
CA ARG B 176 -14.18 -23.71 -11.55
C ARG B 176 -15.24 -22.70 -11.93
N GLU B 177 -16.45 -23.17 -12.18
CA GLU B 177 -17.56 -22.28 -12.52
C GLU B 177 -18.01 -21.48 -11.30
N VAL B 178 -18.15 -20.17 -11.49
CA VAL B 178 -18.60 -19.24 -10.47
C VAL B 178 -20.11 -19.34 -10.33
N ASP B 179 -20.60 -19.64 -9.13
CA ASP B 179 -22.02 -19.91 -8.87
C ASP B 179 -22.80 -18.70 -8.36
N ASP C 3 2.78 41.28 -19.53
CA ASP C 3 4.05 41.10 -18.75
C ASP C 3 4.72 39.75 -19.05
N GLU C 4 6.04 39.79 -19.18
CA GLU C 4 6.89 38.62 -19.42
C GLU C 4 8.24 38.71 -18.72
N GLU C 5 8.19 38.85 -17.40
CA GLU C 5 9.40 38.93 -16.56
C GLU C 5 9.80 37.56 -15.97
N PRO C 6 11.10 37.37 -15.63
CA PRO C 6 11.54 36.05 -15.14
C PRO C 6 10.90 35.62 -13.82
N VAL C 7 10.56 34.33 -13.75
CA VAL C 7 10.12 33.68 -12.52
C VAL C 7 11.36 33.52 -11.64
N LYS C 8 11.21 33.83 -10.35
CA LYS C 8 12.32 33.75 -9.40
C LYS C 8 12.10 32.67 -8.36
N ASP C 9 13.19 32.02 -7.95
CA ASP C 9 13.14 31.01 -6.88
C ASP C 9 13.09 31.68 -5.50
N THR C 10 13.13 30.88 -4.43
CA THR C 10 13.11 31.40 -3.05
C THR C 10 14.29 32.30 -2.69
N ASN C 11 15.40 32.13 -3.41
CA ASN C 11 16.61 32.95 -3.26
C ASN C 11 16.59 34.22 -4.12
N GLY C 12 15.44 34.52 -4.74
CA GLY C 12 15.33 35.65 -5.65
C GLY C 12 16.05 35.46 -6.98
N ASN C 13 16.67 34.31 -7.17
CA ASN C 13 17.36 33.94 -8.43
C ASN C 13 16.40 33.58 -9.56
N PRO C 14 16.76 33.91 -10.82
CA PRO C 14 15.85 33.53 -11.91
C PRO C 14 15.81 32.01 -12.14
N LEU C 15 14.61 31.49 -12.35
CA LEU C 15 14.36 30.08 -12.68
C LEU C 15 15.00 29.69 -13.99
N LYS C 16 15.65 28.52 -13.99
CA LYS C 16 16.26 27.96 -15.19
C LYS C 16 15.56 26.66 -15.59
N ILE C 17 15.46 26.41 -16.89
CA ILE C 17 14.94 25.13 -17.39
C ILE C 17 15.93 24.02 -17.07
N GLU C 18 15.45 22.78 -17.08
CA GLU C 18 16.29 21.58 -16.84
C GLU C 18 17.06 21.66 -15.50
N THR C 19 16.42 22.28 -14.53
CA THR C 19 16.98 22.52 -13.20
C THR C 19 15.92 22.09 -12.18
N ARG C 20 16.36 21.39 -11.15
CA ARG C 20 15.46 20.81 -10.17
C ARG C 20 14.96 21.82 -9.16
N TYR C 21 13.63 21.89 -9.01
CA TYR C 21 13.01 22.72 -7.97
C TYR C 21 11.96 21.92 -7.21
N PHE C 22 11.90 22.14 -5.90
CA PHE C 22 10.72 21.76 -5.14
C PHE C 22 9.68 22.84 -5.37
N ILE C 23 8.46 22.43 -5.73
CA ILE C 23 7.35 23.36 -5.72
C ILE C 23 6.74 23.29 -4.33
N GLN C 24 6.97 24.35 -3.57
CA GLN C 24 6.53 24.42 -2.19
C GLN C 24 5.33 25.34 -2.05
N PRO C 25 4.29 24.88 -1.32
CA PRO C 25 3.17 25.74 -0.99
C PRO C 25 3.66 27.03 -0.33
N ALA C 26 3.25 28.16 -0.87
CA ALA C 26 3.65 29.46 -0.34
C ALA C 26 2.85 29.83 0.89
N SER C 27 1.63 29.27 0.98
CA SER C 27 0.64 29.57 2.01
C SER C 27 1.11 29.32 3.47
N GLY C 31 2.78 21.59 7.09
CA GLY C 31 2.98 20.61 6.02
C GLY C 31 4.10 20.96 5.09
N GLY C 32 4.46 20.02 4.23
CA GLY C 32 5.60 20.18 3.33
C GLY C 32 5.21 20.42 1.89
N GLY C 33 6.03 19.91 0.98
CA GLY C 33 5.93 20.20 -0.44
C GLY C 33 4.92 19.36 -1.22
N LEU C 34 4.95 19.50 -2.53
CA LEU C 34 4.02 18.80 -3.40
C LEU C 34 4.58 17.46 -3.87
N VAL C 35 3.75 16.42 -3.82
CA VAL C 35 4.20 15.03 -4.04
C VAL C 35 3.16 14.21 -4.81
N PRO C 36 3.59 13.17 -5.55
CA PRO C 36 2.57 12.32 -6.19
C PRO C 36 1.85 11.44 -5.17
N ALA C 37 0.53 11.39 -5.32
CA ALA C 37 -0.31 10.41 -4.62
C ALA C 37 -1.52 10.16 -5.50
N ASN C 38 -2.11 8.97 -5.38
CA ASN C 38 -3.32 8.67 -6.15
C ASN C 38 -4.49 9.52 -5.64
N VAL C 39 -5.40 9.91 -6.53
CA VAL C 39 -6.45 10.91 -6.18
C VAL C 39 -7.56 10.30 -5.31
N ASP C 40 -7.90 9.04 -5.62
CA ASP C 40 -8.90 8.27 -4.87
C ASP C 40 -8.63 6.77 -5.04
N LEU C 41 -9.43 5.93 -4.41
CA LEU C 41 -9.29 4.47 -4.46
C LEU C 41 -9.83 3.80 -5.74
N SER C 42 -10.25 4.62 -6.71
CA SER C 42 -10.71 4.13 -8.00
C SER C 42 -9.67 4.34 -9.08
N HIS C 43 -8.65 5.16 -8.80
CA HIS C 43 -7.63 5.50 -9.79
C HIS C 43 -6.25 5.39 -9.15
N LEU C 44 -5.50 4.36 -9.56
CA LEU C 44 -4.12 4.19 -9.14
C LEU C 44 -3.14 5.00 -9.98
N CYS C 45 -3.27 4.85 -11.30
CA CYS C 45 -2.46 5.58 -12.26
C CYS C 45 -3.41 6.28 -13.23
N PRO C 46 -3.08 7.48 -13.70
CA PRO C 46 -1.89 8.21 -13.23
C PRO C 46 -2.11 8.89 -11.88
N LEU C 47 -1.13 9.65 -11.43
CA LEU C 47 -1.12 10.16 -10.08
C LEU C 47 -1.52 11.61 -10.00
N GLY C 48 -2.12 11.98 -8.88
CA GLY C 48 -2.40 13.37 -8.55
C GLY C 48 -1.22 14.00 -7.83
N ILE C 49 -1.38 15.25 -7.45
CA ILE C 49 -0.35 16.04 -6.80
C ILE C 49 -0.95 16.50 -5.48
N VAL C 50 -0.40 16.01 -4.36
CA VAL C 50 -0.90 16.36 -3.04
C VAL C 50 0.14 17.12 -2.22
N ARG C 51 -0.34 18.00 -1.34
CA ARG C 51 0.48 18.63 -0.33
C ARG C 51 0.68 17.63 0.79
N THR C 52 1.93 17.22 1.02
CA THR C 52 2.24 16.29 2.11
C THR C 52 1.96 16.97 3.47
N SER C 53 1.44 16.20 4.42
CA SER C 53 1.18 16.75 5.76
C SER C 53 2.41 16.66 6.68
N LEU C 54 3.46 15.99 6.22
CA LEU C 54 4.69 15.85 6.99
C LEU C 54 5.54 17.09 6.79
N PRO C 55 5.84 17.80 7.89
CA PRO C 55 6.35 19.17 7.77
C PRO C 55 7.75 19.38 7.16
N TYR C 56 8.63 18.38 7.17
CA TYR C 56 9.96 18.68 6.64
C TYR C 56 10.27 18.02 5.32
N GLN C 57 9.24 17.43 4.71
CA GLN C 57 9.34 16.84 3.41
C GLN C 57 9.30 17.95 2.37
N PRO C 58 10.34 18.04 1.54
CA PRO C 58 10.48 19.18 0.65
C PRO C 58 9.57 19.14 -0.58
N GLY C 59 9.01 17.96 -0.87
CA GLY C 59 8.24 17.70 -2.08
C GLY C 59 9.04 16.79 -2.99
N LEU C 60 8.39 16.25 -4.02
CA LEU C 60 9.15 15.61 -5.08
C LEU C 60 9.61 16.69 -6.06
N PRO C 61 10.93 16.76 -6.36
CA PRO C 61 11.43 17.80 -7.26
C PRO C 61 10.84 17.72 -8.66
N VAL C 62 10.74 18.89 -9.29
CA VAL C 62 10.29 19.00 -10.69
C VAL C 62 11.37 19.69 -11.53
N THR C 63 11.36 19.46 -12.85
CA THR C 63 12.07 20.32 -13.79
C THR C 63 11.04 20.99 -14.68
N ILE C 64 11.35 22.20 -15.12
CA ILE C 64 10.48 22.98 -15.98
C ILE C 64 11.06 22.99 -17.38
N SER C 65 10.19 22.80 -18.37
CA SER C 65 10.57 22.85 -19.78
C SER C 65 9.70 23.87 -20.50
N THR C 66 10.31 24.51 -21.50
CA THR C 66 9.64 25.39 -22.44
C THR C 66 9.61 24.74 -23.82
N PRO C 67 8.39 24.66 -24.43
CA PRO C 67 8.27 24.24 -25.82
C PRO C 67 8.93 25.28 -26.74
N ASN C 73 17.46 29.73 -21.52
CA ASN C 73 17.26 28.85 -20.38
C ASN C 73 16.34 29.44 -19.32
N ASP C 74 15.98 30.71 -19.46
CA ASP C 74 15.15 31.39 -18.46
C ASP C 74 13.67 30.99 -18.57
N VAL C 75 13.04 30.91 -17.40
CA VAL C 75 11.60 30.65 -17.33
C VAL C 75 10.94 31.97 -16.99
N LEU C 76 10.05 32.40 -17.88
CA LEU C 76 9.39 33.69 -17.74
C LEU C 76 7.94 33.54 -17.33
N THR C 77 7.42 34.53 -16.61
CA THR C 77 5.99 34.58 -16.27
C THR C 77 5.16 34.68 -17.55
N ASN C 78 3.88 34.30 -17.45
CA ASN C 78 2.92 34.38 -18.58
C ASN C 78 3.35 33.71 -19.90
N THR C 79 4.25 32.72 -19.80
CA THR C 79 4.68 31.93 -20.96
C THR C 79 4.35 30.45 -20.75
N ASN C 80 4.07 29.76 -21.86
CA ASN C 80 3.81 28.33 -21.86
C ASN C 80 5.01 27.52 -21.37
N ILE C 81 4.78 26.81 -20.26
CA ILE C 81 5.76 25.87 -19.70
C ILE C 81 5.10 24.53 -19.37
N ALA C 82 5.93 23.49 -19.27
CA ALA C 82 5.52 22.16 -18.80
C ALA C 82 6.28 21.76 -17.53
N ILE C 83 5.54 21.25 -16.55
CA ILE C 83 6.11 20.80 -15.28
C ILE C 83 6.24 19.28 -15.28
N THR C 84 7.43 18.76 -15.01
CA THR C 84 7.70 17.32 -14.99
C THR C 84 8.41 16.88 -13.72
N PHE C 85 7.82 15.94 -12.99
CA PHE C 85 8.46 15.37 -11.80
C PHE C 85 9.81 14.72 -12.15
N ASP C 86 10.75 14.83 -11.22
CA ASP C 86 12.06 14.18 -11.34
C ASP C 86 12.20 13.08 -10.26
N ALA C 87 12.20 11.83 -10.71
CA ALA C 87 12.29 10.67 -9.82
C ALA C 87 13.00 9.49 -10.48
N PRO C 88 13.84 8.76 -9.72
CA PRO C 88 14.55 7.61 -10.32
C PRO C 88 13.68 6.37 -10.54
N ILE C 89 12.53 6.30 -9.86
CA ILE C 89 11.57 5.20 -10.06
C ILE C 89 10.18 5.75 -10.33
N TRP C 90 9.43 5.09 -11.23
CA TRP C 90 8.09 5.52 -11.58
C TRP C 90 7.20 4.31 -11.95
N PRO C 91 6.48 3.74 -10.95
CA PRO C 91 5.57 2.58 -11.08
C PRO C 91 4.39 2.69 -12.04
N CYS C 92 3.99 3.89 -12.43
CA CYS C 92 2.88 4.02 -13.38
C CYS C 92 3.42 3.97 -14.80
N PRO C 93 2.65 3.43 -15.75
CA PRO C 93 3.10 3.30 -17.14
C PRO C 93 3.03 4.60 -17.96
N SER C 94 3.07 5.76 -17.31
CA SER C 94 2.94 7.04 -18.02
C SER C 94 3.97 8.08 -17.55
N SER C 95 3.98 9.25 -18.20
CA SER C 95 4.98 10.29 -17.96
C SER C 95 4.88 10.95 -16.59
N LYS C 96 5.95 11.63 -16.21
CA LYS C 96 5.98 12.39 -14.96
C LYS C 96 5.55 13.85 -15.17
N THR C 97 5.03 14.15 -16.36
CA THR C 97 4.62 15.52 -16.73
C THR C 97 3.19 15.81 -16.27
N TRP C 98 3.03 16.94 -15.58
CA TRP C 98 1.74 17.41 -15.10
C TRP C 98 0.83 17.75 -16.27
N THR C 99 -0.47 17.56 -16.05
CA THR C 99 -1.51 17.79 -17.05
C THR C 99 -2.86 17.84 -16.32
N VAL C 100 -3.93 18.10 -17.05
CA VAL C 100 -5.26 18.19 -16.46
C VAL C 100 -6.08 16.95 -16.80
N ASP C 101 -6.66 16.35 -15.77
CA ASP C 101 -7.59 15.23 -15.88
C ASP C 101 -8.95 15.79 -16.33
N SER C 102 -9.19 15.77 -17.65
CA SER C 102 -10.45 16.29 -18.23
C SER C 102 -11.67 15.49 -17.80
N SER C 103 -11.54 14.16 -17.86
CA SER C 103 -12.63 13.24 -17.54
C SER C 103 -13.23 13.41 -16.13
N SER C 104 -12.43 13.80 -15.16
CA SER C 104 -12.90 13.98 -13.77
C SER C 104 -13.69 15.27 -13.59
N GLU C 105 -14.66 15.23 -12.68
CA GLU C 105 -15.45 16.40 -12.28
C GLU C 105 -14.59 17.42 -11.56
N GLU C 106 -13.63 16.90 -10.79
CA GLU C 106 -12.75 17.67 -9.95
C GLU C 106 -11.71 18.47 -10.74
N LYS C 107 -11.37 17.95 -11.93
CA LYS C 107 -10.34 18.52 -12.80
C LYS C 107 -8.95 18.49 -12.12
N TYR C 108 -8.64 17.35 -11.49
CA TYR C 108 -7.36 17.09 -10.83
C TYR C 108 -6.19 17.35 -11.76
N ILE C 109 -5.12 17.93 -11.22
CA ILE C 109 -3.87 17.97 -11.94
C ILE C 109 -3.23 16.60 -11.72
N ILE C 110 -2.94 15.91 -12.83
CA ILE C 110 -2.45 14.54 -12.80
C ILE C 110 -1.16 14.41 -13.60
N THR C 111 -0.46 13.29 -13.42
CA THR C 111 0.74 12.99 -14.20
C THR C 111 0.37 12.33 -15.54
N GLY C 112 1.36 12.02 -16.37
CA GLY C 112 1.13 11.35 -17.64
C GLY C 112 0.87 12.22 -18.85
N GLY C 113 1.06 13.54 -18.74
CA GLY C 113 0.91 14.45 -19.88
C GLY C 113 2.06 14.36 -20.87
N ASP C 114 1.89 14.99 -22.03
CA ASP C 114 2.98 15.10 -23.00
C ASP C 114 3.63 16.48 -22.85
N PRO C 115 4.93 16.53 -22.45
CA PRO C 115 5.63 17.82 -22.23
C PRO C 115 5.67 18.72 -23.47
N LYS C 116 5.60 18.11 -24.65
CA LYS C 116 5.62 18.81 -25.94
C LYS C 116 4.21 19.22 -26.42
N SER C 117 3.19 18.59 -25.85
CA SER C 117 1.80 18.86 -26.20
C SER C 117 1.16 19.94 -25.34
N GLY C 118 0.20 20.66 -25.94
CA GLY C 118 -0.50 21.79 -25.30
C GLY C 118 -1.35 21.44 -24.10
N GLU C 119 -1.72 20.17 -23.99
CA GLU C 119 -2.49 19.62 -22.84
C GLU C 119 -1.72 19.79 -21.51
N SER C 120 -0.40 19.93 -21.62
CA SER C 120 0.52 20.02 -20.48
C SER C 120 1.01 21.44 -20.20
N PHE C 121 0.53 22.42 -20.97
CA PHE C 121 1.00 23.79 -20.82
C PHE C 121 0.30 24.53 -19.71
N PHE C 122 1.09 24.97 -18.74
CA PHE C 122 0.63 25.87 -17.70
C PHE C 122 1.42 27.17 -17.87
N ARG C 123 0.92 28.22 -17.23
CA ARG C 123 1.63 29.48 -17.15
C ARG C 123 1.82 29.88 -15.70
N ILE C 124 3.04 30.30 -15.38
CA ILE C 124 3.40 30.79 -14.05
C ILE C 124 3.14 32.30 -14.00
N GLU C 125 2.32 32.72 -13.04
CA GLU C 125 1.93 34.12 -12.89
C GLU C 125 2.14 34.56 -11.45
N LYS C 126 2.30 35.86 -11.23
CA LYS C 126 2.43 36.42 -9.88
C LYS C 126 1.19 36.23 -9.02
N TYR C 127 1.39 35.95 -7.74
CA TYR C 127 0.30 35.83 -6.79
C TYR C 127 0.42 36.93 -5.74
N GLY C 128 -0.73 37.52 -5.40
CA GLY C 128 -0.94 38.48 -4.28
C GLY C 128 0.17 38.95 -3.37
N ASN C 129 0.06 38.74 -2.06
CA ASN C 129 1.17 38.93 -1.11
C ASN C 129 2.56 38.23 -1.43
N GLY C 130 3.54 39.09 -1.27
CA GLY C 130 4.96 38.70 -1.21
C GLY C 130 5.59 38.39 -2.55
N LYS C 131 6.87 38.73 -2.59
CA LYS C 131 7.78 38.44 -3.70
C LYS C 131 8.03 36.93 -3.79
N ASN C 132 8.43 36.48 -4.99
CA ASN C 132 8.75 35.08 -5.29
C ASN C 132 7.56 34.10 -5.08
N THR C 133 6.35 34.66 -5.01
CA THR C 133 5.13 33.88 -4.84
C THR C 133 4.33 33.86 -6.15
N TYR C 134 3.94 32.66 -6.56
CA TYR C 134 3.34 32.46 -7.88
C TYR C 134 2.09 31.60 -7.82
N LYS C 135 1.37 31.56 -8.93
CA LYS C 135 0.25 30.65 -9.10
C LYS C 135 0.39 30.01 -10.47
N LEU C 136 -0.21 28.82 -10.64
CA LEU C 136 -0.24 28.18 -11.95
C LEU C 136 -1.58 28.42 -12.61
N VAL C 137 -1.55 28.83 -13.87
CA VAL C 137 -2.77 29.17 -14.61
C VAL C 137 -2.73 28.45 -15.96
N ARG C 138 -3.90 27.98 -16.38
CA ARG C 138 -4.06 27.29 -17.65
C ARG C 138 -4.98 28.03 -18.61
N TYR C 139 -4.49 28.21 -19.84
CA TYR C 139 -5.22 28.84 -20.93
C TYR C 139 -5.51 27.82 -22.03
N GLY C 144 -8.72 32.51 -18.57
CA GLY C 144 -7.80 32.15 -17.50
C GLY C 144 -8.37 31.26 -16.38
N LYS C 145 -7.84 30.04 -16.31
CA LYS C 145 -8.23 29.09 -15.27
C LYS C 145 -7.03 28.73 -14.39
N SER C 146 -7.10 29.10 -13.11
CA SER C 146 -5.98 28.91 -12.19
C SER C 146 -6.03 27.58 -11.43
N VAL C 147 -4.85 27.13 -10.98
CA VAL C 147 -4.71 25.89 -10.21
C VAL C 147 -4.99 26.18 -8.74
N GLY C 148 -5.97 25.48 -8.19
CA GLY C 148 -6.31 25.53 -6.77
C GLY C 148 -6.11 24.18 -6.12
N SER C 149 -6.79 23.92 -5.01
CA SER C 149 -6.71 22.63 -4.35
C SER C 149 -8.06 22.17 -3.81
N THR C 150 -8.23 20.85 -3.70
CA THR C 150 -9.43 20.24 -3.13
C THR C 150 -9.05 19.10 -2.19
N LYS C 151 -9.89 18.87 -1.17
CA LYS C 151 -9.73 17.73 -0.29
C LYS C 151 -9.80 16.42 -1.10
N SER C 152 -8.87 15.52 -0.82
CA SER C 152 -8.83 14.19 -1.44
C SER C 152 -8.26 13.16 -0.48
N LEU C 153 -8.20 11.91 -0.93
CA LEU C 153 -7.72 10.75 -0.15
C LEU C 153 -6.52 11.05 0.76
N TRP C 154 -5.44 11.56 0.17
CA TRP C 154 -4.16 11.75 0.88
C TRP C 154 -3.93 13.17 1.39
N GLY C 155 -4.90 14.06 1.17
CA GLY C 155 -4.75 15.46 1.56
C GLY C 155 -5.18 16.39 0.44
N PRO C 156 -4.81 17.70 0.53
CA PRO C 156 -5.16 18.64 -0.54
C PRO C 156 -4.50 18.23 -1.85
N ALA C 157 -5.31 18.08 -2.89
CA ALA C 157 -4.84 17.74 -4.22
C ALA C 157 -5.06 18.91 -5.14
N LEU C 158 -4.08 19.19 -5.99
CA LEU C 158 -4.15 20.25 -6.99
C LEU C 158 -5.27 19.97 -8.00
N VAL C 159 -6.06 21.01 -8.26
CA VAL C 159 -7.16 20.97 -9.23
C VAL C 159 -7.16 22.23 -10.08
N LEU C 160 -7.84 22.15 -11.21
CA LEU C 160 -8.09 23.32 -12.04
C LEU C 160 -9.38 23.99 -11.55
N ASN C 161 -9.30 25.27 -11.20
CA ASN C 161 -10.47 26.05 -10.82
C ASN C 161 -11.29 26.40 -12.08
N ASP C 162 -12.49 26.94 -11.85
CA ASP C 162 -13.33 27.55 -12.85
C ASP C 162 -12.87 28.88 -13.47
N ASP C 163 -12.33 29.75 -12.62
CA ASP C 163 -11.86 31.09 -12.97
C ASP C 163 -10.55 31.56 -12.35
N GLU C 168 -8.05 34.29 -5.21
CA GLU C 168 -8.91 33.83 -4.12
C GLU C 168 -8.79 32.33 -3.84
N ASN C 169 -9.08 31.51 -4.87
CA ASN C 169 -9.00 30.05 -4.79
C ASN C 169 -7.75 29.45 -5.44
N ALA C 170 -6.81 30.29 -5.89
CA ALA C 170 -5.56 29.84 -6.43
C ALA C 170 -4.66 29.29 -5.32
N PHE C 171 -3.91 28.22 -5.63
CA PHE C 171 -2.98 27.60 -4.69
C PHE C 171 -1.59 28.25 -4.87
N PRO C 172 -1.20 29.15 -3.93
CA PRO C 172 0.05 29.89 -4.11
C PRO C 172 1.27 28.98 -3.90
N ILE C 173 2.29 29.19 -4.74
CA ILE C 173 3.48 28.35 -4.73
C ILE C 173 4.77 29.17 -4.78
N LYS C 174 5.84 28.56 -4.26
CA LYS C 174 7.20 29.09 -4.38
C LYS C 174 8.06 28.00 -5.00
N PHE C 175 9.15 28.41 -5.63
CA PHE C 175 10.07 27.46 -6.21
C PHE C 175 11.36 27.47 -5.42
N ARG C 176 11.67 26.35 -4.75
CA ARG C 176 12.90 26.24 -3.99
C ARG C 176 13.87 25.39 -4.79
N GLU C 177 15.09 25.91 -4.98
CA GLU C 177 16.11 25.19 -5.72
C GLU C 177 16.64 24.01 -4.90
N VAL C 178 16.70 22.85 -5.54
CA VAL C 178 17.17 21.61 -4.94
C VAL C 178 18.70 21.62 -4.93
N ASP C 179 19.29 21.50 -3.74
CA ASP C 179 20.76 21.50 -3.63
C ASP C 179 21.30 20.13 -3.30
N GLU D 5 33.58 12.41 23.77
CA GLU D 5 33.48 13.72 23.14
C GLU D 5 32.11 13.97 22.48
N PRO D 6 31.70 15.27 22.33
CA PRO D 6 30.37 15.53 21.76
C PRO D 6 30.20 15.08 20.31
N VAL D 7 29.02 14.53 20.02
CA VAL D 7 28.60 14.21 18.66
C VAL D 7 28.27 15.54 17.97
N LYS D 8 28.74 15.68 16.73
CA LYS D 8 28.55 16.91 15.98
C LYS D 8 27.65 16.70 14.77
N ASP D 9 26.83 17.70 14.45
CA ASP D 9 25.98 17.66 13.26
C ASP D 9 26.78 17.99 11.99
N THR D 10 26.12 18.06 10.84
CA THR D 10 26.77 18.38 9.56
C THR D 10 27.44 19.75 9.52
N ASN D 11 26.98 20.68 10.37
CA ASN D 11 27.55 22.01 10.52
C ASN D 11 28.71 22.07 11.54
N GLY D 12 29.15 20.91 12.01
CA GLY D 12 30.17 20.84 13.04
C GLY D 12 29.70 21.27 14.43
N ASN D 13 28.43 21.63 14.56
CA ASN D 13 27.81 22.00 15.83
C ASN D 13 27.53 20.79 16.73
N PRO D 14 27.65 20.97 18.07
CA PRO D 14 27.35 19.83 18.94
C PRO D 14 25.84 19.49 18.94
N LEU D 15 25.56 18.18 18.90
CA LEU D 15 24.20 17.64 18.98
C LEU D 15 23.56 17.93 20.32
N LYS D 16 22.29 18.35 20.26
CA LYS D 16 21.49 18.61 21.47
C LYS D 16 20.33 17.62 21.56
N ILE D 17 19.98 17.23 22.78
CA ILE D 17 18.79 16.40 23.02
C ILE D 17 17.53 17.22 22.73
N GLU D 18 16.41 16.54 22.51
CA GLU D 18 15.10 17.17 22.25
C GLU D 18 15.16 18.17 21.07
N THR D 19 16.00 17.84 20.09
CA THR D 19 16.24 18.67 18.91
C THR D 19 16.13 17.76 17.69
N ARG D 20 15.48 18.26 16.65
CA ARG D 20 15.18 17.45 15.48
C ARG D 20 16.39 17.33 14.54
N TYR D 21 16.74 16.09 14.21
CA TYR D 21 17.79 15.82 13.22
C TYR D 21 17.31 14.80 12.19
N PHE D 22 17.70 15.02 10.94
CA PHE D 22 17.65 13.95 9.95
C PHE D 22 18.89 13.10 10.17
N ILE D 23 18.70 11.79 10.29
CA ILE D 23 19.84 10.86 10.23
C ILE D 23 20.04 10.52 8.77
N GLN D 24 21.10 11.07 8.20
CA GLN D 24 21.42 10.90 6.79
C GLN D 24 22.57 9.93 6.60
N PRO D 25 22.41 8.96 5.67
CA PRO D 25 23.51 8.11 5.27
C PRO D 25 24.72 8.96 4.86
N ALA D 26 25.86 8.67 5.47
CA ALA D 26 27.10 9.40 5.19
C ALA D 26 27.73 8.93 3.90
N SER D 27 27.46 7.67 3.53
CA SER D 27 28.14 6.93 2.47
C SER D 27 28.14 7.59 1.06
N GLY D 31 20.56 8.30 -3.24
CA GLY D 31 19.44 8.13 -2.29
C GLY D 31 19.47 9.12 -1.15
N GLY D 32 18.38 9.17 -0.40
CA GLY D 32 18.19 10.14 0.66
C GLY D 32 18.32 9.57 2.05
N GLY D 33 17.55 10.14 2.99
CA GLY D 33 17.66 9.85 4.41
C GLY D 33 16.97 8.59 4.89
N LEU D 34 16.96 8.40 6.21
CA LEU D 34 16.37 7.22 6.83
C LEU D 34 14.89 7.45 7.19
N VAL D 35 14.06 6.47 6.86
CA VAL D 35 12.59 6.62 6.93
C VAL D 35 11.92 5.33 7.41
N PRO D 36 10.72 5.42 8.03
CA PRO D 36 10.04 4.17 8.37
C PRO D 36 9.45 3.48 7.15
N ALA D 37 9.65 2.18 7.08
CA ALA D 37 8.96 1.31 6.13
C ALA D 37 8.85 -0.05 6.76
N ASN D 38 7.84 -0.83 6.39
CA ASN D 38 7.71 -2.19 6.91
C ASN D 38 8.84 -3.06 6.34
N VAL D 39 9.32 -4.03 7.14
CA VAL D 39 10.52 -4.81 6.78
C VAL D 39 10.28 -5.83 5.69
N ASP D 40 9.09 -6.45 5.73
CA ASP D 40 8.63 -7.44 4.74
C ASP D 40 7.10 -7.48 4.75
N LEU D 41 6.52 -8.31 3.89
CA LEU D 41 5.06 -8.46 3.77
C LEU D 41 4.39 -9.32 4.87
N SER D 42 5.18 -9.74 5.85
CA SER D 42 4.67 -10.50 7.00
C SER D 42 4.56 -9.64 8.24
N HIS D 43 5.18 -8.46 8.21
CA HIS D 43 5.19 -7.57 9.37
C HIS D 43 4.85 -6.15 8.93
N LEU D 44 3.63 -5.70 9.26
CA LEU D 44 3.21 -4.33 9.03
C LEU D 44 3.66 -3.39 10.14
N CYS D 45 3.40 -3.79 11.38
CA CYS D 45 3.84 -3.07 12.56
C CYS D 45 4.61 -4.04 13.44
N PRO D 46 5.66 -3.57 14.13
CA PRO D 46 6.17 -2.21 13.98
C PRO D 46 7.02 -2.04 12.71
N LEU D 47 7.62 -0.86 12.56
CA LEU D 47 8.25 -0.49 11.32
C LEU D 47 9.76 -0.61 11.38
N GLY D 48 10.36 -0.91 10.25
CA GLY D 48 11.81 -0.87 10.08
C GLY D 48 12.26 0.49 9.66
N ILE D 49 13.56 0.62 9.43
CA ILE D 49 14.19 1.89 9.06
C ILE D 49 14.89 1.63 7.74
N VAL D 50 14.44 2.27 6.67
CA VAL D 50 15.03 2.10 5.34
C VAL D 50 15.67 3.40 4.85
N ARG D 51 16.72 3.25 4.05
CA ARG D 51 17.29 4.34 3.29
C ARG D 51 16.41 4.53 2.06
N THR D 52 15.77 5.70 1.95
CA THR D 52 14.94 6.01 0.79
C THR D 52 15.80 6.09 -0.47
N SER D 53 15.27 5.60 -1.59
CA SER D 53 16.00 5.64 -2.86
C SER D 53 15.81 6.98 -3.60
N LEU D 54 14.89 7.81 -3.10
CA LEU D 54 14.62 9.11 -3.70
C LEU D 54 15.63 10.11 -3.20
N PRO D 55 16.42 10.71 -4.13
CA PRO D 55 17.62 11.43 -3.73
C PRO D 55 17.49 12.70 -2.90
N TYR D 56 16.36 13.39 -2.93
CA TYR D 56 16.33 14.67 -2.18
C TYR D 56 15.48 14.64 -0.92
N GLN D 57 15.03 13.44 -0.57
CA GLN D 57 14.23 13.22 0.60
C GLN D 57 15.15 13.19 1.80
N PRO D 58 14.92 14.07 2.78
CA PRO D 58 15.87 14.25 3.87
C PRO D 58 15.86 13.14 4.92
N GLY D 59 14.80 12.34 4.94
CA GLY D 59 14.57 11.35 6.00
C GLY D 59 13.43 11.79 6.89
N LEU D 60 12.93 10.90 7.72
CA LEU D 60 12.01 11.33 8.77
C LEU D 60 12.86 11.78 9.96
N PRO D 61 12.62 13.01 10.46
CA PRO D 61 13.41 13.52 11.58
C PRO D 61 13.29 12.69 12.85
N VAL D 62 14.37 12.69 13.62
CA VAL D 62 14.42 12.03 14.94
C VAL D 62 14.80 13.04 16.02
N THR D 63 14.42 12.75 17.27
CA THR D 63 15.01 13.43 18.42
C THR D 63 15.77 12.39 19.24
N ILE D 64 16.85 12.84 19.89
CA ILE D 64 17.69 11.97 20.70
C ILE D 64 17.44 12.28 22.16
N SER D 65 17.34 11.23 22.97
CA SER D 65 17.20 11.35 24.41
C SER D 65 18.30 10.58 25.12
N THR D 66 18.70 11.10 26.27
CA THR D 66 19.63 10.43 27.19
C THR D 66 18.87 10.01 28.45
N PRO D 67 19.00 8.72 28.83
CA PRO D 67 18.53 8.25 30.15
C PRO D 67 19.36 8.92 31.26
N ASN D 73 22.38 18.95 28.08
CA ASN D 73 21.66 18.80 26.82
C ASN D 73 22.51 18.22 25.70
N ASP D 74 23.80 18.08 25.93
CA ASP D 74 24.73 17.59 24.92
C ASP D 74 24.64 16.08 24.75
N VAL D 75 24.81 15.64 23.50
CA VAL D 75 24.85 14.23 23.16
C VAL D 75 26.31 13.89 22.92
N LEU D 76 26.82 12.95 23.71
CA LEU D 76 28.21 12.57 23.66
C LEU D 76 28.39 11.20 22.98
N THR D 77 29.55 11.00 22.35
CA THR D 77 29.92 9.70 21.81
C THR D 77 30.06 8.68 22.94
N ASN D 78 29.94 7.40 22.61
CA ASN D 78 30.09 6.29 23.57
C ASN D 78 29.23 6.36 24.84
N THR D 79 28.09 7.06 24.75
CA THR D 79 27.12 7.12 25.84
C THR D 79 25.77 6.56 25.37
N ASN D 80 25.04 5.97 26.32
CA ASN D 80 23.70 5.45 26.09
C ASN D 80 22.72 6.55 25.68
N ILE D 81 22.19 6.41 24.47
CA ILE D 81 21.13 7.28 23.95
C ILE D 81 19.98 6.46 23.34
N ALA D 82 18.81 7.09 23.24
CA ALA D 82 17.65 6.52 22.55
C ALA D 82 17.21 7.43 21.39
N ILE D 83 16.97 6.81 20.24
CA ILE D 83 16.54 7.51 19.02
C ILE D 83 15.04 7.32 18.83
N THR D 84 14.32 8.44 18.68
CA THR D 84 12.86 8.42 18.51
C THR D 84 12.44 9.26 17.31
N PHE D 85 11.72 8.63 16.37
CA PHE D 85 11.16 9.36 15.23
C PHE D 85 10.21 10.47 15.68
N ASP D 86 10.22 11.58 14.94
CA ASP D 86 9.28 12.69 15.17
C ASP D 86 8.31 12.80 13.97
N ALA D 87 7.04 12.47 14.23
CA ALA D 87 6.04 12.40 13.17
C ALA D 87 4.65 12.79 13.64
N PRO D 88 3.92 13.59 12.83
CA PRO D 88 2.56 13.98 13.23
C PRO D 88 1.53 12.85 13.07
N ILE D 89 1.83 11.82 12.28
CA ILE D 89 0.94 10.66 12.15
C ILE D 89 1.70 9.37 12.40
N TRP D 90 1.07 8.41 13.10
CA TRP D 90 1.71 7.13 13.39
C TRP D 90 0.68 6.00 13.48
N PRO D 91 0.37 5.34 12.34
CA PRO D 91 -0.62 4.26 12.20
C PRO D 91 -0.41 2.97 13.00
N CYS D 92 0.80 2.73 13.50
CA CYS D 92 1.06 1.55 14.29
C CYS D 92 0.76 1.83 15.74
N PRO D 93 0.28 0.81 16.49
CA PRO D 93 -0.06 0.99 17.90
C PRO D 93 1.14 0.98 18.86
N SER D 94 2.32 1.34 18.38
CA SER D 94 3.53 1.34 19.24
C SER D 94 4.39 2.60 19.10
N SER D 95 5.44 2.71 19.92
CA SER D 95 6.27 3.93 19.99
C SER D 95 7.09 4.20 18.71
N LYS D 96 7.58 5.42 18.60
CA LYS D 96 8.44 5.81 17.50
C LYS D 96 9.93 5.65 17.86
N THR D 97 10.21 4.99 18.99
CA THR D 97 11.58 4.78 19.47
C THR D 97 12.21 3.54 18.83
N TRP D 98 13.41 3.73 18.30
CA TRP D 98 14.18 2.65 17.69
C TRP D 98 14.59 1.60 18.73
N THR D 99 14.69 0.36 18.28
CA THR D 99 15.03 -0.79 19.12
C THR D 99 15.43 -1.95 18.22
N VAL D 100 15.82 -3.08 18.79
CA VAL D 100 16.23 -4.25 18.01
C VAL D 100 15.17 -5.32 18.04
N ASP D 101 14.81 -5.80 16.85
CA ASP D 101 13.91 -6.93 16.65
C ASP D 101 14.69 -8.23 16.95
N SER D 102 14.59 -8.71 18.18
CA SER D 102 15.28 -9.94 18.63
C SER D 102 14.81 -11.19 17.88
N SER D 103 13.47 -11.33 17.77
CA SER D 103 12.84 -12.49 17.15
C SER D 103 13.27 -12.79 15.70
N SER D 104 13.59 -11.74 14.94
CA SER D 104 13.98 -11.90 13.53
C SER D 104 15.42 -12.40 13.39
N GLU D 105 15.66 -13.15 12.31
CA GLU D 105 16.99 -13.63 11.95
C GLU D 105 17.89 -12.49 11.53
N GLU D 106 17.27 -11.50 10.89
CA GLU D 106 17.95 -10.35 10.33
C GLU D 106 18.42 -9.37 11.39
N LYS D 107 17.74 -9.36 12.53
CA LYS D 107 18.00 -8.42 13.64
C LYS D 107 17.76 -6.95 13.21
N TYR D 108 16.65 -6.74 12.50
CA TYR D 108 16.21 -5.43 12.03
C TYR D 108 16.12 -4.41 13.16
N ILE D 109 16.53 -3.19 12.88
CA ILE D 109 16.21 -2.09 13.81
C ILE D 109 14.77 -1.69 13.50
N ILE D 110 13.94 -1.75 14.53
CA ILE D 110 12.50 -1.52 14.38
C ILE D 110 12.02 -0.46 15.36
N THR D 111 10.81 0.04 15.14
CA THR D 111 10.17 1.01 16.05
C THR D 111 9.48 0.28 17.21
N GLY D 112 8.89 1.04 18.13
CA GLY D 112 8.15 0.46 19.24
C GLY D 112 8.93 0.15 20.51
N GLY D 113 10.19 0.60 20.60
CA GLY D 113 10.98 0.43 21.81
C GLY D 113 10.56 1.34 22.95
N ASP D 114 11.09 1.07 24.15
CA ASP D 114 10.86 1.96 25.29
C ASP D 114 12.10 2.87 25.43
N PRO D 115 11.91 4.21 25.26
CA PRO D 115 13.04 5.16 25.33
C PRO D 115 13.79 5.14 26.68
N LYS D 116 13.09 4.75 27.74
CA LYS D 116 13.64 4.65 29.09
C LYS D 116 14.28 3.30 29.40
N SER D 117 13.94 2.28 28.60
CA SER D 117 14.45 0.92 28.75
C SER D 117 15.74 0.69 27.95
N GLY D 118 16.57 -0.21 28.47
CA GLY D 118 17.87 -0.55 27.89
C GLY D 118 17.84 -1.22 26.53
N GLU D 119 16.69 -1.80 26.18
CA GLU D 119 16.43 -2.41 24.87
C GLU D 119 16.56 -1.41 23.71
N SER D 120 16.42 -0.12 24.05
CA SER D 120 16.43 0.98 23.10
C SER D 120 17.73 1.79 23.10
N PHE D 121 18.71 1.36 23.91
CA PHE D 121 19.96 2.11 24.01
C PHE D 121 20.93 1.75 22.90
N PHE D 122 21.30 2.77 22.15
CA PHE D 122 22.37 2.69 21.18
C PHE D 122 23.45 3.66 21.64
N ARG D 123 24.65 3.48 21.09
CA ARG D 123 25.75 4.40 21.29
C ARG D 123 26.26 4.92 19.96
N ILE D 124 26.46 6.24 19.90
CA ILE D 124 27.00 6.92 18.73
C ILE D 124 28.52 6.95 18.84
N GLU D 125 29.20 6.40 17.82
CA GLU D 125 30.65 6.30 17.79
C GLU D 125 31.19 6.83 16.48
N LYS D 126 32.46 7.27 16.48
CA LYS D 126 33.12 7.75 15.25
C LYS D 126 33.27 6.66 14.19
N TYR D 127 33.09 7.04 12.93
CA TYR D 127 33.31 6.14 11.80
C TYR D 127 34.45 6.69 10.95
N GLY D 128 35.31 5.79 10.47
CA GLY D 128 36.43 6.08 9.55
C GLY D 128 37.19 7.42 9.64
N ASN D 129 37.58 7.92 8.48
CA ASN D 129 38.33 9.20 8.34
C ASN D 129 37.48 10.41 8.64
N GLY D 130 36.64 10.81 7.68
CA GLY D 130 35.88 12.06 7.67
C GLY D 130 35.20 12.49 8.94
N LYS D 131 35.24 13.79 9.19
CA LYS D 131 34.64 14.42 10.37
C LYS D 131 33.11 14.37 10.28
N ASN D 132 32.47 14.46 11.45
CA ASN D 132 30.99 14.44 11.57
C ASN D 132 30.32 13.15 11.05
N THR D 133 31.11 12.09 10.89
CA THR D 133 30.63 10.80 10.42
C THR D 133 30.64 9.79 11.57
N TYR D 134 29.51 9.11 11.75
CA TYR D 134 29.29 8.26 12.90
C TYR D 134 28.72 6.91 12.52
N LYS D 135 28.70 6.00 13.50
CA LYS D 135 28.00 4.74 13.37
C LYS D 135 27.20 4.54 14.64
N LEU D 136 26.15 3.71 14.56
CA LEU D 136 25.41 3.31 15.75
C LEU D 136 25.86 1.94 16.20
N VAL D 137 26.12 1.82 17.50
CA VAL D 137 26.60 0.56 18.08
C VAL D 137 25.74 0.22 19.29
N ARG D 138 25.47 -1.08 19.44
CA ARG D 138 24.73 -1.59 20.57
C ARG D 138 25.56 -2.50 21.47
N TYR D 139 25.51 -2.17 22.75
CA TYR D 139 26.12 -2.97 23.82
C TYR D 139 24.99 -3.51 24.69
N GLY D 144 30.71 -5.25 21.51
CA GLY D 144 30.29 -4.23 20.54
C GLY D 144 29.68 -4.73 19.23
N LYS D 145 28.38 -4.46 19.08
CA LYS D 145 27.66 -4.83 17.86
C LYS D 145 27.13 -3.58 17.14
N SER D 146 27.64 -3.35 15.93
CA SER D 146 27.31 -2.14 15.19
C SER D 146 26.10 -2.31 14.25
N VAL D 147 25.45 -1.18 13.94
CA VAL D 147 24.30 -1.14 13.04
C VAL D 147 24.80 -1.07 11.60
N GLY D 148 24.36 -2.06 10.82
CA GLY D 148 24.64 -2.11 9.38
C GLY D 148 23.34 -2.06 8.60
N SER D 149 23.36 -2.59 7.38
CA SER D 149 22.17 -2.62 6.55
C SER D 149 22.06 -3.91 5.76
N THR D 150 20.82 -4.31 5.45
CA THR D 150 20.52 -5.48 4.64
C THR D 150 19.43 -5.15 3.62
N LYS D 151 19.49 -5.84 2.47
CA LYS D 151 18.45 -5.74 1.45
C LYS D 151 17.11 -6.17 2.07
N SER D 152 16.07 -5.39 1.82
CA SER D 152 14.70 -5.68 2.25
C SER D 152 13.68 -5.15 1.25
N LEU D 153 12.40 -5.40 1.54
CA LEU D 153 11.27 -5.00 0.69
C LEU D 153 11.41 -3.62 0.03
N TRP D 154 11.65 -2.58 0.84
CA TRP D 154 11.65 -1.20 0.36
C TRP D 154 13.05 -0.63 0.09
N GLY D 155 14.07 -1.46 0.27
CA GLY D 155 15.46 -1.02 0.08
C GLY D 155 16.33 -1.46 1.26
N PRO D 156 17.53 -0.83 1.40
CA PRO D 156 18.40 -1.18 2.52
C PRO D 156 17.73 -0.84 3.84
N ALA D 157 17.63 -1.83 4.72
CA ALA D 157 17.05 -1.65 6.05
C ALA D 157 18.14 -1.83 7.08
N LEU D 158 18.10 -0.98 8.10
CA LEU D 158 19.03 -1.04 9.22
C LEU D 158 18.88 -2.35 9.99
N VAL D 159 20.03 -2.98 10.27
CA VAL D 159 20.11 -4.22 11.03
C VAL D 159 21.24 -4.15 12.03
N LEU D 160 21.18 -5.04 13.02
CA LEU D 160 22.30 -5.22 13.93
C LEU D 160 23.27 -6.24 13.33
N ASN D 161 24.53 -5.85 13.16
CA ASN D 161 25.57 -6.78 12.70
C ASN D 161 25.95 -7.72 13.83
N ASP D 162 26.65 -8.82 13.48
CA ASP D 162 27.24 -9.73 14.49
C ASP D 162 28.55 -9.20 15.07
N ASP D 163 29.39 -8.65 14.20
CA ASP D 163 30.46 -7.65 14.50
C ASP D 163 31.23 -7.67 15.84
N ASP D 164 32.53 -7.42 15.67
CA ASP D 164 33.45 -7.04 16.79
C ASP D 164 33.73 -5.53 16.80
N ASP D 165 32.72 -4.76 16.41
CA ASP D 165 32.74 -3.30 16.34
C ASP D 165 33.85 -2.73 15.43
N SER D 166 33.81 -3.08 14.14
CA SER D 166 34.57 -2.37 13.12
C SER D 166 33.66 -1.61 12.15
N ASP D 167 34.30 -0.77 11.32
CA ASP D 167 33.55 0.06 10.40
C ASP D 167 33.28 -0.64 9.06
N GLU D 168 33.63 -1.93 9.00
CA GLU D 168 33.54 -2.71 7.75
C GLU D 168 32.12 -2.80 7.17
N ASN D 169 31.21 -3.36 7.96
CA ASN D 169 29.79 -3.52 7.61
C ASN D 169 28.89 -2.53 8.33
N ALA D 170 29.47 -1.56 9.05
CA ALA D 170 28.70 -0.54 9.74
C ALA D 170 28.12 0.44 8.74
N PHE D 171 26.90 0.91 9.00
CA PHE D 171 26.19 1.85 8.15
C PHE D 171 26.53 3.28 8.63
N PRO D 172 27.42 4.00 7.88
CA PRO D 172 27.85 5.31 8.36
C PRO D 172 26.76 6.36 8.23
N ILE D 173 26.65 7.22 9.24
CA ILE D 173 25.59 8.23 9.32
C ILE D 173 26.12 9.61 9.67
N LYS D 174 25.37 10.63 9.27
CA LYS D 174 25.59 12.02 9.66
C LYS D 174 24.30 12.53 10.26
N PHE D 175 24.40 13.55 11.10
CA PHE D 175 23.22 14.15 11.67
C PHE D 175 23.06 15.54 11.08
N ARG D 176 21.98 15.75 10.33
CA ARG D 176 21.69 17.08 9.77
C ARG D 176 20.58 17.71 10.60
N GLU D 177 20.81 18.94 11.05
CA GLU D 177 19.81 19.66 11.83
C GLU D 177 18.64 20.10 10.95
N VAL D 178 17.44 19.82 11.42
CA VAL D 178 16.19 20.19 10.73
C VAL D 178 15.91 21.66 11.05
N ASP D 179 15.80 22.49 10.02
CA ASP D 179 15.61 23.94 10.24
C ASP D 179 14.19 24.36 9.89
MG CHL E . -7.75 -7.11 3.57
CHA CHL E . -10.17 -7.66 1.14
CHB CHL E . -7.44 -3.92 2.50
CHC CHL E . -5.31 -6.64 5.87
CHD CHL E . -7.83 -10.51 4.29
NA CHL E . -8.71 -5.93 2.24
C1A CHL E . -9.70 -6.28 1.38
C2A CHL E . -10.28 -5.10 0.63
C3A CHL E . -9.26 -4.03 0.91
C4A CHL E . -8.42 -4.64 1.97
CMA CHL E . -8.46 -3.85 -0.36
CAA CHL E . -11.69 -4.74 1.06
CBA CHL E . -12.35 -3.59 0.29
CGA CHL E . -12.66 -3.99 -1.12
O1A CHL E . -13.65 -4.65 -1.40
O2A CHL E . -11.72 -3.54 -2.14
NB CHL E . -6.64 -5.50 4.14
C1B CHL E . -6.52 -4.30 3.57
C2B CHL E . -5.55 -3.46 4.13
C3B CHL E . -4.97 -4.28 5.10
C4B CHL E . -5.63 -5.48 5.01
CMB CHL E . -5.27 -2.03 3.73
CAB CHL E . -3.87 -4.01 6.06
CBB CHL E . -3.40 -2.82 6.34
NC CHL E . -6.75 -8.33 4.88
C1C CHL E . -5.75 -8.03 5.73
C2C CHL E . -5.28 -9.13 6.45
C3C CHL E . -5.99 -10.22 6.02
C4C CHL E . -6.86 -9.67 5.05
CMC CHL E . -4.21 -9.22 7.50
OMC CHL E . -3.42 -8.32 7.73
CAC CHL E . -5.83 -11.65 6.48
CBC CHL E . -4.62 -12.26 5.80
ND CHL E . -8.80 -8.73 2.95
C1D CHL E . -8.71 -10.04 3.21
C2D CHL E . -9.59 -10.82 2.43
C3D CHL E . -10.17 -9.87 1.59
C4D CHL E . -9.66 -8.67 1.89
CMD CHL E . -9.94 -12.27 2.35
CAD CHL E . -11.13 -9.68 0.49
OBD CHL E . -11.83 -10.59 -0.09
CBD CHL E . -11.17 -8.23 0.16
CGD CHL E . -10.80 -7.96 -1.27
O1D CHL E . -11.43 -7.18 -1.94
O2D CHL E . -9.68 -8.63 -1.91
CED CHL E . -8.69 -7.90 -2.64
C1 CHL E . -11.97 -3.70 -3.55
C2 CHL E . -10.71 -4.30 -4.08
C3 CHL E . -9.70 -3.59 -4.60
C4 CHL E . -8.50 -4.36 -5.05
C5 CHL E . -9.80 -2.08 -4.72
C6 CHL E . -8.71 -1.52 -5.61
C7 CHL E . -8.03 -0.29 -5.00
C8 CHL E . -6.61 -0.51 -4.47
C9 CHL E . -5.86 -1.68 -5.13
C10 CHL E . -5.86 0.82 -4.60
C11 CHL E . -4.55 0.90 -3.79
C12 CHL E . -4.68 1.67 -2.47
C13 CHL E . -3.51 2.56 -2.03
C14 CHL E . -2.13 2.18 -2.60
C15 CHL E . -3.51 2.71 -0.49
C16 CHL E . -3.13 1.49 0.34
C17 CHL E . -2.12 1.85 1.45
C18 CHL E . -2.56 1.64 2.92
C19 CHL E . -4.03 1.93 3.23
C20 CHL E . -2.18 0.27 3.44
MG CHL F . -5.26 -7.83 -5.65
CHA CHL F . -5.64 -10.63 -3.67
CHB CHL F . -2.27 -7.15 -4.05
CHC CHL F . -5.02 -4.98 -7.44
CHD CHL F . -8.50 -8.44 -6.97
NA CHL F . -4.07 -8.75 -4.28
C1A CHL F . -4.34 -9.89 -3.60
C2A CHL F . -3.21 -10.34 -2.73
C3A CHL F . -2.37 -9.09 -2.64
C4A CHL F . -2.91 -8.27 -3.75
CMA CHL F . -2.58 -8.42 -1.30
CAA CHL F . -2.43 -11.50 -3.34
CBA CHL F . -1.31 -12.05 -2.47
CGA CHL F . -1.83 -12.57 -1.16
O1A CHL F . -2.35 -13.68 -1.09
O2A CHL F . -1.77 -11.76 0.03
NB CHL F . -3.82 -6.36 -5.76
C1B CHL F . -2.72 -6.15 -5.02
C2B CHL F . -2.02 -4.95 -5.31
C3B CHL F . -2.82 -4.38 -6.26
C4B CHL F . -3.92 -5.22 -6.47
CMB CHL F . -0.74 -4.38 -4.76
CAB CHL F . -2.45 -3.08 -6.86
CBB CHL F . -3.34 -2.42 -7.52
NC CHL F . -6.50 -6.89 -6.99
C1C CHL F . -6.28 -5.73 -7.63
C2C CHL F . -7.35 -5.37 -8.45
C3C CHL F . -8.34 -6.33 -8.33
C4C CHL F . -7.77 -7.23 -7.42
CMC CHL F . -7.48 -4.18 -9.32
OMC CHL F . -6.67 -3.26 -9.29
CAC CHL F . -9.69 -6.41 -9.00
CBC CHL F . -10.69 -5.57 -8.23
ND CHL F . -6.73 -9.23 -5.47
C1D CHL F . -8.00 -9.36 -5.92
C2D CHL F . -8.66 -10.48 -5.37
C3D CHL F . -7.72 -10.97 -4.47
C4D CHL F . -6.63 -10.19 -4.51
CMD CHL F . -10.00 -11.17 -5.54
CAD CHL F . -7.49 -12.06 -3.49
OBD CHL F . -8.31 -13.01 -3.16
CBD CHL F . -6.12 -11.84 -2.92
CGD CHL F . -6.15 -11.54 -1.46
O1D CHL F . -5.33 -12.06 -0.71
O2D CHL F . -7.12 -10.61 -0.92
CED CHL F . -6.82 -9.79 0.19
C1 CHL F . -1.90 -12.25 1.36
C2 CHL F . -2.86 -11.27 1.98
C3 CHL F . -2.62 -10.38 2.97
C4 CHL F . -3.80 -9.52 3.34
C5 CHL F . -1.31 -10.24 3.69
C6 CHL F . -1.15 -8.82 4.24
C7 CHL F . 0.09 -8.11 3.69
C8 CHL F . 0.34 -6.79 4.42
C9 CHL F . 1.80 -6.70 4.87
C10 CHL F . -0.02 -5.51 3.67
C11 CHL F . -0.84 -5.66 2.40
C12 CHL F . -2.35 -5.75 2.68
C13 CHL F . -3.26 -5.36 1.51
C14 CHL F . -4.29 -6.45 1.22
C15 CHL F . -2.47 -4.98 0.27
C16 CHL F . -2.50 -3.47 0.05
C17 CHL F . -2.91 -3.21 -1.39
C18 CHL F . -4.42 -3.40 -1.54
C19 CHL F . -5.06 -2.03 -1.50
C20 CHL F . -4.78 -4.18 -2.79
MG CHL G . 3.68 9.31 -2.94
CHA CHL G . 4.27 11.29 -0.17
CHB CHL G . 0.93 8.00 -1.39
CHC CHL G . 3.16 7.32 -5.66
CHD CHL G . 6.78 10.35 -4.23
NA CHL G . 2.65 9.67 -1.22
C1A CHL G . 2.99 10.52 -0.23
C2A CHL G . 1.98 10.58 0.89
C3A CHL G . 1.11 9.38 0.59
C4A CHL G . 1.57 9.00 -0.78
CMA CHL G . 1.41 8.26 1.60
CAA CHL G . 1.21 11.90 0.90
CBA CHL G . 0.27 12.16 2.07
CGA CHL G . 0.99 12.28 3.39
O1A CHL G . 1.58 13.30 3.69
O2A CHL G . 0.96 11.12 4.28
NB CHL G . 2.23 7.95 -3.45
C1B CHL G . 1.23 7.44 -2.72
C2B CHL G . 0.48 6.45 -3.33
C3B CHL G . 1.13 6.28 -4.53
C4B CHL G . 2.19 7.17 -4.55
CMB CHL G . -0.74 5.74 -2.76
CAB CHL G . 0.79 5.33 -5.63
CBB CHL G . -0.39 4.74 -5.78
NC CHL G . 4.76 8.91 -4.66
C1C CHL G . 4.45 8.06 -5.65
C2C CHL G . 5.44 8.03 -6.66
C3C CHL G . 6.46 8.87 -6.27
C4C CHL G . 6.00 9.37 -5.04
CMC CHL G . 5.48 7.25 -7.94
OMC CHL G . 4.51 6.58 -8.30
CAC CHL G . 7.77 9.16 -7.01
CBC CHL G . 8.75 8.07 -6.67
ND CHL G . 5.15 10.59 -2.41
C1D CHL G . 6.38 10.88 -2.91
C2D CHL G . 7.12 11.75 -2.05
C3D CHL G . 6.27 11.88 -0.98
C4D CHL G . 5.17 11.17 -1.18
CMD CHL G . 8.45 12.46 -2.07
CAD CHL G . 6.15 12.55 0.31
OBD CHL G . 7.04 13.30 0.84
CBD CHL G . 4.85 12.15 0.91
CGD CHL G . 5.11 11.32 2.16
O1D CHL G . 4.46 11.54 3.19
O2D CHL G . 6.11 10.25 2.14
CED CHL G . 5.93 9.05 2.90
C1 CHL G . 1.80 11.03 5.43
C2 CHL G . 1.40 9.81 6.24
C3 CHL G . 2.09 8.67 6.30
C4 CHL G . 3.37 8.46 5.55
C5 CHL G . 1.53 7.59 7.20
C6 CHL G . 1.30 6.28 6.48
C7 CHL G . -0.18 6.00 6.21
C8 CHL G . -0.46 4.50 6.08
C9 CHL G . -1.86 4.15 6.58
C10 CHL G . -0.23 4.01 4.65
C11 CHL G . 1.12 3.29 4.46
C12 CHL G . 2.27 4.28 4.17
C13 CHL G . 2.90 4.23 2.78
C14 CHL G . 4.07 5.21 2.66
C15 CHL G . 1.86 4.48 1.69
C16 CHL G . 1.49 3.19 0.99
C17 CHL G . 2.72 2.54 0.32
C18 CHL G . 2.95 2.98 -1.13
C19 CHL G . 1.65 2.86 -1.94
C20 CHL G . 3.62 4.36 -1.25
MG CHL H . 7.35 5.32 4.94
CHA CHL H . 9.41 6.76 2.56
CHB CHL H . 6.88 2.62 2.87
CHC CHL H . 5.12 4.06 7.17
CHD CHL H . 7.59 8.30 6.85
NA CHL H . 8.12 4.68 3.19
C1A CHL H . 8.95 5.36 2.35
C2A CHL H . 9.34 4.60 1.13
C3A CHL H . 8.36 3.45 1.14
C4A CHL H . 7.76 3.56 2.51
CMA CHL H . 7.37 3.62 -0.02
CAA CHL H . 10.78 4.11 1.20
CBA CHL H . 11.24 3.30 -0.01
CGA CHL H . 11.44 4.21 -1.18
O1A CHL H . 12.40 4.94 -1.26
O2A CHL H . 10.44 4.17 -2.23
NB CHL H . 6.26 3.59 5.01
C1B CHL H . 6.07 2.62 4.10
C2B CHL H . 5.13 1.63 4.45
C3B CHL H . 4.67 2.09 5.68
C4B CHL H . 5.33 3.27 5.94
CMB CHL H . 4.74 0.39 3.67
CAB CHL H . 3.64 1.48 6.57
CBB CHL H . 3.40 0.19 6.52
NC CHL H . 6.52 6.02 6.71
C1C CHL H . 5.63 5.41 7.49
C2C CHL H . 5.25 6.16 8.59
C3C CHL H . 5.94 7.36 8.52
C4C CHL H . 6.68 7.22 7.35
CMC CHL H . 4.28 5.76 9.67
OMC CHL H . 3.52 4.80 9.53
CAC CHL H . 5.86 8.53 9.48
CBC CHL H . 4.69 9.38 9.07
ND CHL H . 8.35 7.09 4.82
C1D CHL H . 8.29 8.25 5.54
C2D CHL H . 9.06 9.28 4.94
C3D CHL H . 9.49 8.68 3.77
C4D CHL H . 9.01 7.44 3.69
CMD CHL H . 9.45 10.69 5.28
CAD CHL H . 10.27 8.92 2.55
OBD CHL H . 10.88 9.99 2.28
CBD CHL H . 10.26 7.67 1.73
CGD CHL H . 9.76 7.95 0.35
O1D CHL H . 10.38 7.56 -0.62
O2D CHL H . 8.52 8.67 0.12
CED CHL H . 7.30 7.96 -0.02
C1 CHL H . 10.48 5.05 -3.37
C2 CHL H . 9.40 4.61 -4.34
C3 CHL H . 8.13 5.08 -4.41
C4 CHL H . 7.60 6.17 -3.52
C5 CHL H . 7.19 4.49 -5.42
C6 CHL H . 6.92 3.07 -4.93
C7 CHL H . 5.64 2.51 -5.51
C8 CHL H . 4.62 2.13 -4.48
C9 CHL H . 3.45 3.07 -4.72
C10 CHL H . 4.27 0.67 -4.73
C11 CHL H . 3.39 0.07 -3.62
C12 CHL H . 2.54 -1.11 -4.12
C13 CHL H . 1.45 -1.67 -3.19
C14 CHL H . 0.25 -0.71 -3.03
C15 CHL H . 2.06 -2.25 -1.89
C16 CHL H . 1.85 -1.43 -0.62
C17 CHL H . 2.66 -1.99 0.54
C18 CHL H . 1.83 -2.54 1.69
C19 CHL H . 2.77 -3.10 2.75
C20 CHL H . 0.93 -1.51 2.34
#